data_7KIB
#
_entry.id   7KIB
#
_cell.length_a   102.800
_cell.length_b   138.950
_cell.length_c   179.060
_cell.angle_alpha   90.000
_cell.angle_beta   90.000
_cell.angle_gamma   90.000
#
_symmetry.space_group_name_H-M   'I 2 2 2'
#
loop_
_entity.id
_entity.type
_entity.pdbx_description
1 polymer 'Protein arginine N-methyltransferase 5'
2 polymer 'Methylosome protein 50'
3 non-polymer (2R,3R,3aS,6S,6aR)-6-[(2-amino-3-bromoquinolin-7-yl)oxy]-2-(4-amino-7H-pyrrolo[2,3-d]pyrimidin-7-yl)hexahydro-3aH-cyclopenta[b]furan-3,3a-diol
4 non-polymer 1,2-ETHANEDIOL
5 non-polymer 'CHLORIDE ION'
6 non-polymer DI(HYDROXYETHYL)ETHER
7 water water
#
loop_
_entity_poly.entity_id
_entity_poly.type
_entity_poly.pdbx_seq_one_letter_code
_entity_poly.pdbx_strand_id
1 'polypeptide(L)'
;MDYKDDDDKAAMAVGGAGGSRVSSGRDLNCVPEIADTLGAVAKQGFDFLCMPVFHPRFKREFIQEPAKNRPGPQTRSDLL
LSGRDWNTLIVGKLSPWIRPDSKVEKIRRNSEAAMLQELNFGAYLGLPAFLLPLNQEDNTNLARVLTNHIHTGHHSSMFW
MRVPLVAPEDLRDDIIENAPTTHTEEYSGEEKTWMWWHNFRTLCDYSKRIAVALEIGADLPSNHVIDRWLGEPIKAAILP
TSIFLTNKKGFPVLSKMHQRLIFRLLKLEVQFIITGTNHHSEKEFCSYLQYLEYLSQNRPPPNAYELFAKGYEDYLQSPL
QPLMDNLESQTYEVFEKDPIKYSQYQQAIYKCLLDRVPEEEKDTNVQVLMVLGAGRGPLVNASLRAAKQADRRIKLYAVE
KNPNAVVTLENWQFEEWGSQVTVVSSDMREWVAPEKADIIVSELLGSFADNELSPECLDGAQHFLKDDGVSIPGEYTSFL
APISSSKLYNEVRACREKDRDPEAQFEMPYVVRLHNFHQLSAPQPCFTFSHPNRDPMIDNNRYCTLEFPVEVNTVLHGFA
GYFETVLYQDITLSIRPETHSPGMFSWFPILFPIKQPITVREGQTICVRFWRCSNSKKVWYEWAVTAPVCSAIHNPTGRS
YTIGL
;
A
2 'polypeptide(L)'
;MHHHHHHHHRKETPPPLVPPAAREWNLPPNAPACMERQLEAARYRSDGALLLGASSLSGRCWAGSLWLFKDPCAAPNEGF
CSAGVQTEAGVADLTWVGERGILVASDSGAVELWELDENETLIVSKFCKYEHDDIVSTVSVLSSGTQAVSGSKDICIKVW
DLAQQVVLSSYRAHAAQVTCVAASPHKDSVFLSCSEDNRILLWDTRCPKPASQIGCSAPGYLPTSLAWHPQQSEVFVFGD
ENGTVSLVDTKSTSCVLSSAVHSQCVTGLVFSPHSVPFLASLSEDCSLAVLDSSLSELFRSQAHRDFVRDATWSPLNHSL
LTTVGWDHQVVHHVVPTEPLPAPGPASVTE
;
B
#
loop_
_chem_comp.id
_chem_comp.type
_chem_comp.name
_chem_comp.formula
CL non-polymer 'CHLORIDE ION' 'Cl -1'
EDO non-polymer 1,2-ETHANEDIOL 'C2 H6 O2'
PEG non-polymer DI(HYDROXYETHYL)ETHER 'C4 H10 O3'
WFM non-polymer (2R,3R,3aS,6S,6aR)-6-[(2-amino-3-bromoquinolin-7-yl)oxy]-2-(4-amino-7H-pyrrolo[2,3-d]pyrimidin-7-yl)hexahydro-3aH-cyclopenta[b]furan-3,3a-diol 'C22 H21 Br N6 O4'
#
# COMPACT_ATOMS: atom_id res chain seq x y z
N ARG A 21 16.28 -12.49 -0.01
CA ARG A 21 16.03 -11.88 1.30
C ARG A 21 15.04 -10.68 1.22
N VAL A 22 14.96 -9.84 2.29
CA VAL A 22 14.07 -8.69 2.42
C VAL A 22 14.66 -7.40 1.85
N SER A 23 13.85 -6.67 1.02
CA SER A 23 14.17 -5.35 0.47
C SER A 23 13.38 -4.41 1.33
N SER A 24 14.09 -3.50 1.97
CA SER A 24 13.57 -2.61 2.98
C SER A 24 14.01 -1.17 2.84
N GLY A 25 13.16 -0.27 3.33
CA GLY A 25 13.43 1.15 3.30
C GLY A 25 13.13 1.84 4.61
N ARG A 26 13.80 2.97 4.80
CA ARG A 26 13.64 3.84 5.97
C ARG A 26 12.76 5.01 5.56
N ASP A 27 11.66 5.19 6.28
CA ASP A 27 10.79 6.34 6.09
C ASP A 27 11.21 7.42 7.09
N LEU A 28 11.40 8.64 6.61
CA LEU A 28 11.79 9.78 7.45
C LEU A 28 11.02 11.02 7.05
N ASN A 29 10.74 11.90 8.01
CA ASN A 29 10.12 13.18 7.67
C ASN A 29 11.04 14.35 8.02
N CYS A 30 12.29 14.01 8.38
CA CYS A 30 13.35 14.94 8.76
C CYS A 30 14.69 14.48 8.21
N VAL A 31 15.22 15.25 7.24
CA VAL A 31 16.50 14.99 6.59
C VAL A 31 17.27 16.32 6.66
N PRO A 32 18.06 16.62 7.74
CA PRO A 32 18.78 17.92 7.80
C PRO A 32 19.87 18.01 6.72
N GLU A 33 20.72 16.96 6.60
CA GLU A 33 21.72 16.91 5.53
C GLU A 33 21.59 15.58 4.81
N ILE A 34 21.13 15.64 3.56
CA ILE A 34 20.84 14.53 2.65
C ILE A 34 21.98 13.47 2.55
N ALA A 35 23.24 13.90 2.43
CA ALA A 35 24.39 12.99 2.28
C ALA A 35 24.65 12.18 3.53
N ASP A 36 24.70 12.85 4.69
CA ASP A 36 24.90 12.19 5.99
C ASP A 36 23.72 11.26 6.29
N THR A 37 22.47 11.76 6.10
CA THR A 37 21.24 10.98 6.31
C THR A 37 21.24 9.70 5.48
N LEU A 38 21.52 9.80 4.17
CA LEU A 38 21.59 8.64 3.28
C LEU A 38 22.63 7.63 3.74
N GLY A 39 23.81 8.12 4.12
CA GLY A 39 24.90 7.30 4.65
C GLY A 39 24.51 6.54 5.92
N ALA A 40 23.84 7.24 6.87
CA ALA A 40 23.37 6.64 8.12
C ALA A 40 22.39 5.50 7.84
N VAL A 41 21.37 5.72 6.94
CA VAL A 41 20.36 4.69 6.60
C VAL A 41 21.01 3.53 5.85
N ALA A 42 22.06 3.82 5.04
CA ALA A 42 22.80 2.79 4.30
C ALA A 42 23.57 1.91 5.29
N LYS A 43 24.25 2.55 6.28
CA LYS A 43 25.04 1.90 7.33
C LYS A 43 24.16 0.92 8.10
N GLN A 44 22.92 1.36 8.44
CA GLN A 44 21.89 0.61 9.16
C GLN A 44 21.36 -0.62 8.40
N GLY A 45 21.62 -0.68 7.10
CA GLY A 45 21.22 -1.82 6.27
C GLY A 45 20.04 -1.62 5.34
N PHE A 46 19.48 -0.40 5.27
CA PHE A 46 18.34 -0.11 4.42
C PHE A 46 18.73 0.01 2.95
N ASP A 47 17.87 -0.49 2.05
CA ASP A 47 18.08 -0.48 0.60
C ASP A 47 17.68 0.85 -0.03
N PHE A 48 16.71 1.55 0.57
CA PHE A 48 16.24 2.85 0.05
C PHE A 48 15.73 3.75 1.18
N LEU A 49 15.48 5.01 0.85
CA LEU A 49 15.01 6.03 1.77
C LEU A 49 13.78 6.73 1.24
N CYS A 50 12.74 6.89 2.08
CA CYS A 50 11.51 7.63 1.79
C CYS A 50 11.69 8.96 2.48
N MET A 51 11.72 10.03 1.71
CA MET A 51 11.99 11.34 2.29
C MET A 51 11.34 12.50 1.56
N PRO A 52 11.12 13.62 2.26
CA PRO A 52 10.54 14.81 1.59
C PRO A 52 11.47 15.40 0.55
N VAL A 53 10.91 15.92 -0.56
CA VAL A 53 11.68 16.51 -1.64
C VAL A 53 11.66 18.05 -1.55
N PHE A 54 10.79 18.56 -0.71
CA PHE A 54 10.64 19.94 -0.30
C PHE A 54 10.51 19.82 1.22
N HIS A 55 10.81 20.88 2.01
CA HIS A 55 10.70 20.77 3.49
C HIS A 55 9.24 20.57 3.91
N PRO A 56 8.90 19.54 4.70
CA PRO A 56 7.47 19.29 5.03
C PRO A 56 6.69 20.47 5.54
N ARG A 57 7.35 21.41 6.23
CA ARG A 57 6.72 22.59 6.81
C ARG A 57 6.74 23.80 5.92
N PHE A 58 7.51 23.76 4.86
CA PHE A 58 7.64 24.87 3.93
C PHE A 58 6.39 25.11 3.03
N LYS A 59 5.26 25.54 3.60
CA LYS A 59 4.03 25.86 2.85
C LYS A 59 4.33 26.96 1.90
N ARG A 60 4.00 26.77 0.60
CA ARG A 60 4.25 27.66 -0.52
C ARG A 60 2.95 28.27 -1.05
N GLU A 61 3.00 29.52 -1.48
CA GLU A 61 1.87 30.29 -2.03
C GLU A 61 2.10 30.51 -3.53
N PHE A 62 1.04 30.32 -4.33
CA PHE A 62 1.12 30.41 -5.78
C PHE A 62 0.22 31.50 -6.32
N ILE A 63 -0.71 32.05 -5.51
CA ILE A 63 -1.65 33.04 -6.02
C ILE A 63 -1.48 34.46 -5.40
N GLN A 64 -1.52 34.56 -4.05
CA GLN A 64 -1.51 35.83 -3.33
C GLN A 64 -0.16 36.47 -3.12
N GLU A 65 -0.08 37.79 -3.42
CA GLU A 65 1.10 38.62 -3.17
C GLU A 65 0.96 39.11 -1.71
N PRO A 66 2.06 39.15 -0.92
CA PRO A 66 3.47 38.98 -1.30
C PRO A 66 4.08 37.57 -1.24
N ALA A 67 3.48 36.64 -0.48
CA ALA A 67 3.99 35.26 -0.28
C ALA A 67 4.32 34.49 -1.59
N LYS A 68 3.57 34.77 -2.67
CA LYS A 68 3.74 34.20 -4.02
C LYS A 68 5.18 34.44 -4.51
N ASN A 69 5.71 35.69 -4.31
CA ASN A 69 7.03 36.14 -4.76
C ASN A 69 8.17 35.82 -3.80
N ARG A 70 7.96 34.85 -2.91
CA ARG A 70 8.98 34.42 -1.96
C ARG A 70 10.30 34.10 -2.68
N PRO A 71 11.44 34.78 -2.36
CA PRO A 71 12.71 34.45 -3.03
C PRO A 71 13.04 32.97 -2.90
N GLY A 72 13.70 32.44 -3.92
CA GLY A 72 14.11 31.04 -3.96
C GLY A 72 15.45 30.84 -3.28
N PRO A 73 16.06 29.64 -3.33
CA PRO A 73 15.57 28.40 -3.96
C PRO A 73 14.34 27.82 -3.26
N GLN A 74 13.48 27.15 -4.03
CA GLN A 74 12.27 26.53 -3.52
C GLN A 74 12.56 25.23 -2.76
N THR A 75 13.73 24.58 -3.01
CA THR A 75 14.22 23.37 -2.34
C THR A 75 15.74 23.14 -2.55
N ARG A 76 16.23 21.98 -2.12
CA ARG A 76 17.55 21.41 -2.26
C ARG A 76 17.87 21.16 -3.71
N SER A 77 19.18 21.18 -4.02
CA SER A 77 19.67 20.93 -5.35
C SER A 77 19.74 19.46 -5.69
N ASP A 78 19.49 19.13 -6.97
CA ASP A 78 19.61 17.78 -7.57
C ASP A 78 21.10 17.37 -7.58
N LEU A 79 21.99 18.37 -7.60
CA LEU A 79 23.42 18.12 -7.64
C LEU A 79 23.95 17.36 -6.43
N LEU A 80 23.20 17.38 -5.32
CA LEU A 80 23.55 16.72 -4.05
C LEU A 80 23.63 15.21 -4.10
N LEU A 81 23.19 14.57 -5.20
CA LEU A 81 23.27 13.10 -5.36
C LEU A 81 23.53 12.77 -6.81
N SER A 82 24.17 11.61 -7.05
CA SER A 82 24.35 11.12 -8.42
C SER A 82 22.97 10.72 -9.00
N GLY A 83 22.84 10.70 -10.33
CA GLY A 83 21.63 10.29 -11.03
C GLY A 83 21.20 8.91 -10.60
N ARG A 84 22.18 7.98 -10.51
CA ARG A 84 21.99 6.61 -10.05
C ARG A 84 21.35 6.57 -8.63
N ASP A 85 21.74 7.52 -7.74
CA ASP A 85 21.27 7.56 -6.37
C ASP A 85 19.81 8.01 -6.28
N TRP A 86 19.44 9.04 -7.06
CA TRP A 86 18.08 9.54 -7.19
C TRP A 86 17.16 8.46 -7.82
N ASN A 87 17.65 7.75 -8.87
CA ASN A 87 16.93 6.71 -9.61
C ASN A 87 16.67 5.45 -8.79
N THR A 88 17.55 5.14 -7.83
CA THR A 88 17.45 3.86 -7.13
C THR A 88 17.27 3.90 -5.62
N LEU A 89 17.75 4.95 -4.97
CA LEU A 89 17.71 4.97 -3.50
C LEU A 89 16.67 5.89 -2.87
N ILE A 90 16.04 6.76 -3.66
CA ILE A 90 15.12 7.72 -3.06
C ILE A 90 13.70 7.55 -3.51
N VAL A 91 12.78 7.38 -2.54
CA VAL A 91 11.34 7.39 -2.72
C VAL A 91 10.89 8.76 -2.12
N GLY A 92 10.39 9.65 -2.96
CA GLY A 92 9.92 10.98 -2.56
C GLY A 92 8.60 10.89 -1.80
N LYS A 93 8.21 11.97 -1.13
CA LYS A 93 6.99 11.99 -0.32
C LYS A 93 6.27 13.31 -0.55
N LEU A 94 4.94 13.27 -0.77
CA LEU A 94 4.15 14.51 -0.92
C LEU A 94 4.12 15.27 0.43
N SER A 95 4.25 16.60 0.41
CA SER A 95 4.23 17.44 1.63
C SER A 95 2.89 17.30 2.35
N PRO A 96 2.87 17.16 3.71
CA PRO A 96 1.60 16.87 4.40
C PRO A 96 0.55 17.97 4.38
N TRP A 97 0.93 19.21 4.03
CA TRP A 97 0.00 20.35 3.96
C TRP A 97 -0.75 20.42 2.62
N ILE A 98 -0.38 19.54 1.67
CA ILE A 98 -0.98 19.52 0.35
C ILE A 98 -2.27 18.79 0.52
N ARG A 99 -3.38 19.56 0.42
CA ARG A 99 -4.73 19.03 0.66
C ARG A 99 -5.66 19.39 -0.51
N PRO A 100 -5.56 18.64 -1.65
CA PRO A 100 -6.38 18.99 -2.83
C PRO A 100 -7.90 18.91 -2.65
N ASP A 101 -8.35 18.21 -1.59
CA ASP A 101 -9.78 18.01 -1.34
C ASP A 101 -10.30 18.76 -0.15
N SER A 102 -9.53 19.76 0.33
CA SER A 102 -9.87 20.66 1.42
C SER A 102 -11.20 21.40 1.11
N LYS A 103 -11.95 21.78 2.15
CA LYS A 103 -13.21 22.46 1.93
C LYS A 103 -12.97 23.96 1.69
N VAL A 104 -11.73 24.44 1.91
CA VAL A 104 -11.32 25.84 1.71
C VAL A 104 -10.74 25.94 0.30
N GLU A 105 -11.44 26.63 -0.62
CA GLU A 105 -11.03 26.80 -2.02
C GLU A 105 -9.58 27.23 -2.18
N LYS A 106 -9.15 28.31 -1.51
CA LYS A 106 -7.77 28.82 -1.58
C LYS A 106 -6.77 27.71 -1.33
N ILE A 107 -7.10 26.79 -0.39
CA ILE A 107 -6.24 25.67 -0.04
C ILE A 107 -6.23 24.65 -1.17
N ARG A 108 -7.40 24.30 -1.70
CA ARG A 108 -7.58 23.38 -2.82
C ARG A 108 -6.67 23.80 -4.00
N ARG A 109 -6.76 25.08 -4.45
CA ARG A 109 -5.98 25.62 -5.56
C ARG A 109 -4.47 25.63 -5.34
N ASN A 110 -4.00 26.05 -4.15
CA ASN A 110 -2.58 26.05 -3.79
C ASN A 110 -2.08 24.63 -3.67
N SER A 111 -2.93 23.72 -3.20
CA SER A 111 -2.51 22.33 -3.05
C SER A 111 -2.39 21.63 -4.39
N GLU A 112 -3.25 22.02 -5.37
CA GLU A 112 -3.23 21.51 -6.74
C GLU A 112 -1.90 21.90 -7.37
N ALA A 113 -1.57 23.21 -7.36
CA ALA A 113 -0.31 23.75 -7.86
C ALA A 113 0.92 23.19 -7.11
N ALA A 114 0.81 22.95 -5.80
CA ALA A 114 1.93 22.40 -5.01
C ALA A 114 2.17 20.94 -5.32
N MET A 115 1.06 20.21 -5.60
CA MET A 115 1.05 18.79 -5.91
C MET A 115 1.71 18.57 -7.24
N LEU A 116 1.34 19.36 -8.26
CA LEU A 116 2.00 19.23 -9.56
C LEU A 116 3.49 19.55 -9.44
N GLN A 117 3.84 20.60 -8.71
CA GLN A 117 5.20 21.06 -8.51
C GLN A 117 6.09 19.95 -7.96
N GLU A 118 5.64 19.33 -6.88
CA GLU A 118 6.35 18.25 -6.21
C GLU A 118 6.42 17.01 -7.04
N LEU A 119 5.28 16.60 -7.66
CA LEU A 119 5.28 15.44 -8.55
C LEU A 119 6.25 15.68 -9.72
N ASN A 120 6.23 16.88 -10.31
CA ASN A 120 7.13 17.23 -11.38
C ASN A 120 8.61 17.27 -10.97
N PHE A 121 8.91 17.63 -9.73
CA PHE A 121 10.30 17.61 -9.24
C PHE A 121 10.79 16.16 -9.12
N GLY A 122 9.92 15.29 -8.64
CA GLY A 122 10.19 13.86 -8.53
C GLY A 122 10.45 13.23 -9.87
N ALA A 123 9.67 13.63 -10.89
CA ALA A 123 9.82 13.14 -12.26
C ALA A 123 11.14 13.67 -12.81
N TYR A 124 11.42 14.96 -12.57
CA TYR A 124 12.66 15.64 -12.97
C TYR A 124 13.90 14.90 -12.44
N LEU A 125 13.85 14.47 -11.16
CA LEU A 125 14.91 13.75 -10.44
C LEU A 125 15.06 12.32 -10.84
N GLY A 126 14.04 11.77 -11.51
CA GLY A 126 13.97 10.38 -11.92
C GLY A 126 13.78 9.42 -10.77
N LEU A 127 13.03 9.84 -9.73
CA LEU A 127 12.75 9.03 -8.55
C LEU A 127 12.00 7.76 -8.96
N PRO A 128 12.31 6.58 -8.37
CA PRO A 128 11.62 5.35 -8.80
C PRO A 128 10.21 5.19 -8.26
N ALA A 129 9.87 5.92 -7.20
CA ALA A 129 8.56 5.87 -6.55
C ALA A 129 8.30 7.19 -5.77
N PHE A 130 7.05 7.50 -5.50
CA PHE A 130 6.65 8.74 -4.83
C PHE A 130 5.39 8.42 -4.02
N LEU A 131 5.42 8.67 -2.71
CA LEU A 131 4.32 8.39 -1.79
C LEU A 131 3.30 9.51 -1.72
N LEU A 132 2.01 9.17 -1.75
CA LEU A 132 0.91 10.12 -1.54
C LEU A 132 -0.05 9.49 -0.51
N PRO A 133 -0.63 10.29 0.42
CA PRO A 133 -1.58 9.69 1.39
C PRO A 133 -3.02 9.55 0.88
N LEU A 134 -3.71 8.55 1.43
CA LEU A 134 -5.14 8.33 1.32
C LEU A 134 -5.56 8.29 2.81
N ASN A 135 -5.87 9.47 3.41
CA ASN A 135 -6.14 9.58 4.86
C ASN A 135 -7.54 10.11 5.17
N GLN A 136 -8.38 10.19 4.15
CA GLN A 136 -9.76 10.60 4.26
C GLN A 136 -10.54 9.93 3.16
N GLU A 137 -11.88 9.97 3.26
CA GLU A 137 -12.76 9.32 2.30
C GLU A 137 -12.70 9.98 0.93
N ASP A 138 -12.77 11.30 0.88
CA ASP A 138 -12.80 12.03 -0.39
C ASP A 138 -11.42 12.44 -0.89
N ASN A 139 -10.94 11.81 -1.98
CA ASN A 139 -9.64 12.13 -2.62
C ASN A 139 -9.80 12.36 -4.12
N THR A 140 -10.99 12.79 -4.52
CA THR A 140 -11.39 13.03 -5.91
C THR A 140 -10.44 13.98 -6.62
N ASN A 141 -10.18 15.13 -6.02
CA ASN A 141 -9.30 16.12 -6.63
C ASN A 141 -7.85 15.72 -6.49
N LEU A 142 -7.50 14.90 -5.48
CA LEU A 142 -6.13 14.40 -5.36
C LEU A 142 -5.93 13.48 -6.60
N ALA A 143 -6.90 12.56 -6.87
CA ALA A 143 -6.95 11.67 -8.03
C ALA A 143 -6.94 12.48 -9.37
N ARG A 144 -7.73 13.58 -9.46
CA ARG A 144 -7.69 14.37 -10.70
C ARG A 144 -6.34 14.96 -10.96
N VAL A 145 -5.70 15.54 -9.94
CA VAL A 145 -4.36 16.09 -10.12
C VAL A 145 -3.34 14.95 -10.45
N LEU A 146 -3.40 13.79 -9.75
CA LEU A 146 -2.49 12.70 -10.08
C LEU A 146 -2.67 12.22 -11.50
N THR A 147 -3.92 11.90 -11.88
CA THR A 147 -4.28 11.45 -13.23
C THR A 147 -3.75 12.42 -14.26
N ASN A 148 -3.93 13.73 -14.05
CA ASN A 148 -3.41 14.76 -14.97
C ASN A 148 -1.86 14.75 -15.06
N HIS A 149 -1.14 14.44 -13.97
CA HIS A 149 0.33 14.32 -13.98
C HIS A 149 0.80 13.07 -14.76
N ILE A 150 0.05 11.97 -14.66
CA ILE A 150 0.37 10.74 -15.39
C ILE A 150 0.21 10.96 -16.91
N HIS A 151 -0.79 11.77 -17.33
CA HIS A 151 -1.05 12.05 -18.74
C HIS A 151 -0.26 13.25 -19.28
N THR A 152 0.76 13.70 -18.54
CA THR A 152 1.64 14.77 -18.94
C THR A 152 3.05 14.16 -18.95
N GLY A 153 3.48 13.68 -20.13
CA GLY A 153 4.76 13.02 -20.32
C GLY A 153 4.67 11.56 -19.93
N HIS A 154 5.14 10.65 -20.83
CA HIS A 154 5.11 9.20 -20.59
C HIS A 154 6.34 8.74 -19.76
N HIS A 155 6.10 8.41 -18.47
CA HIS A 155 7.15 7.96 -17.55
C HIS A 155 6.82 6.63 -16.90
N SER A 156 7.85 5.93 -16.37
CA SER A 156 7.69 4.60 -15.76
C SER A 156 7.39 4.64 -14.27
N SER A 157 7.74 5.80 -13.59
CA SER A 157 7.58 6.12 -12.15
C SER A 157 6.32 5.56 -11.48
N MET A 158 6.47 5.09 -10.25
CA MET A 158 5.41 4.52 -9.44
C MET A 158 4.90 5.48 -8.42
N PHE A 159 3.59 5.43 -8.16
CA PHE A 159 2.91 6.19 -7.12
C PHE A 159 2.41 5.21 -6.09
N TRP A 160 2.92 5.33 -4.85
CA TRP A 160 2.57 4.45 -3.74
C TRP A 160 1.59 5.17 -2.87
N MET A 161 0.36 4.65 -2.82
CA MET A 161 -0.69 5.25 -2.00
C MET A 161 -0.58 4.71 -0.60
N ARG A 162 -0.23 5.60 0.35
CA ARG A 162 -0.07 5.23 1.75
C ARG A 162 -1.47 5.16 2.34
N VAL A 163 -1.90 3.94 2.63
CA VAL A 163 -3.24 3.63 3.13
C VAL A 163 -3.11 2.75 4.38
N PRO A 164 -3.87 3.04 5.44
CA PRO A 164 -3.77 2.16 6.63
C PRO A 164 -4.78 1.02 6.61
N LEU A 165 -4.46 -0.10 7.29
CA LEU A 165 -5.46 -1.16 7.42
C LEU A 165 -6.64 -0.57 8.22
N VAL A 166 -6.33 0.19 9.30
CA VAL A 166 -7.29 0.81 10.21
C VAL A 166 -7.15 2.33 10.14
N ALA A 167 -8.25 3.01 9.82
CA ALA A 167 -8.30 4.46 9.73
C ALA A 167 -7.99 5.02 11.13
N PRO A 168 -7.24 6.14 11.26
CA PRO A 168 -6.90 6.62 12.61
C PRO A 168 -8.11 6.87 13.51
N GLU A 169 -9.24 7.35 12.92
CA GLU A 169 -10.51 7.57 13.64
C GLU A 169 -11.02 6.31 14.35
N ASP A 170 -10.71 5.12 13.79
CA ASP A 170 -11.16 3.83 14.30
C ASP A 170 -10.10 3.16 15.20
N LEU A 171 -8.99 3.89 15.42
CA LEU A 171 -7.82 3.45 16.17
C LEU A 171 -7.63 4.31 17.43
N ARG A 172 -8.26 5.51 17.46
CA ARG A 172 -8.10 6.51 18.52
C ARG A 172 -8.42 5.96 19.90
N ASP A 173 -7.61 6.37 20.91
CA ASP A 173 -7.80 6.06 22.34
C ASP A 173 -9.22 6.54 22.74
N ASP A 174 -9.94 5.69 23.49
CA ASP A 174 -11.29 6.03 23.97
C ASP A 174 -11.11 6.91 25.24
N ILE A 175 -10.70 8.16 25.03
CA ILE A 175 -10.44 9.13 26.07
C ILE A 175 -11.30 10.42 25.87
N ILE A 176 -12.18 10.48 24.84
CA ILE A 176 -13.04 11.68 24.72
C ILE A 176 -14.33 11.39 25.47
N GLU A 177 -14.51 12.01 26.65
CA GLU A 177 -15.67 11.87 27.55
C GLU A 177 -17.02 11.90 26.79
N ASN A 178 -17.23 12.92 25.92
CA ASN A 178 -18.46 13.13 25.14
C ASN A 178 -18.45 12.62 23.67
N ALA A 179 -17.48 11.78 23.29
CA ALA A 179 -17.40 11.19 21.95
C ALA A 179 -16.80 9.79 22.10
N PRO A 180 -17.57 8.79 22.64
CA PRO A 180 -16.99 7.44 22.85
C PRO A 180 -16.68 6.69 21.56
N THR A 181 -15.72 5.76 21.60
CA THR A 181 -15.37 4.96 20.44
C THR A 181 -16.48 3.92 20.25
N THR A 182 -16.87 3.60 19.00
CA THR A 182 -17.94 2.60 18.77
C THR A 182 -17.49 1.22 19.26
N HIS A 183 -18.29 0.59 20.13
CA HIS A 183 -17.95 -0.73 20.68
C HIS A 183 -18.74 -1.84 19.96
N THR A 184 -19.56 -1.44 18.96
CA THR A 184 -20.38 -2.33 18.13
C THR A 184 -19.64 -2.79 16.87
N GLU A 185 -19.97 -4.01 16.39
CA GLU A 185 -19.42 -4.60 15.16
C GLU A 185 -19.99 -3.86 13.94
N GLU A 186 -19.08 -3.35 13.09
CA GLU A 186 -19.39 -2.65 11.86
C GLU A 186 -18.55 -3.28 10.71
N TYR A 187 -19.03 -4.44 10.21
CA TYR A 187 -18.41 -5.25 9.15
C TYR A 187 -17.91 -4.40 7.95
N SER A 188 -18.78 -3.54 7.39
CA SER A 188 -18.40 -2.71 6.25
C SER A 188 -17.59 -1.48 6.67
N GLY A 189 -17.96 -0.84 7.78
CA GLY A 189 -17.25 0.30 8.35
C GLY A 189 -15.79 0.00 8.63
N GLU A 190 -15.48 -1.22 9.13
CA GLU A 190 -14.12 -1.68 9.44
C GLU A 190 -13.28 -1.93 8.17
N GLU A 191 -13.95 -1.96 7.00
CA GLU A 191 -13.34 -2.14 5.68
C GLU A 191 -13.24 -0.78 4.93
N LYS A 192 -13.61 0.34 5.58
CA LYS A 192 -13.66 1.67 4.97
C LYS A 192 -12.44 2.10 4.17
N THR A 193 -11.19 1.83 4.64
CA THR A 193 -9.94 2.27 3.96
C THR A 193 -9.70 1.56 2.64
N TRP A 194 -10.24 0.34 2.48
CA TRP A 194 -10.18 -0.39 1.21
C TRP A 194 -11.02 0.39 0.17
N MET A 195 -12.13 0.98 0.61
CA MET A 195 -13.01 1.74 -0.27
C MET A 195 -12.36 3.07 -0.68
N TRP A 196 -11.54 3.65 0.21
CA TRP A 196 -10.78 4.89 -0.04
C TRP A 196 -9.82 4.65 -1.23
N TRP A 197 -9.16 3.49 -1.21
CA TRP A 197 -8.24 3.01 -2.20
C TRP A 197 -8.98 2.64 -3.48
N HIS A 198 -10.08 1.83 -3.37
CA HIS A 198 -10.88 1.38 -4.51
C HIS A 198 -11.36 2.55 -5.35
N ASN A 199 -12.02 3.52 -4.70
CA ASN A 199 -12.53 4.74 -5.33
C ASN A 199 -11.40 5.52 -5.96
N PHE A 200 -10.28 5.72 -5.23
CA PHE A 200 -9.11 6.44 -5.78
C PHE A 200 -8.58 5.81 -7.06
N ARG A 201 -8.39 4.49 -7.07
CA ARG A 201 -7.81 3.82 -8.23
C ARG A 201 -8.84 3.62 -9.38
N THR A 202 -10.17 3.72 -9.09
CA THR A 202 -11.26 3.67 -10.07
C THR A 202 -11.21 5.03 -10.80
N LEU A 203 -11.20 6.15 -10.05
CA LEU A 203 -11.11 7.50 -10.61
C LEU A 203 -9.88 7.65 -11.53
N CYS A 204 -8.73 7.06 -11.16
CA CYS A 204 -7.44 7.10 -11.86
C CYS A 204 -7.35 6.08 -13.00
N ASP A 205 -8.46 5.37 -13.28
CA ASP A 205 -8.67 4.42 -14.35
C ASP A 205 -7.68 3.28 -14.34
N TYR A 206 -7.47 2.68 -13.16
CA TYR A 206 -6.59 1.51 -12.98
C TYR A 206 -5.20 1.72 -13.62
N SER A 207 -4.56 2.88 -13.37
CA SER A 207 -3.22 3.13 -13.88
C SER A 207 -2.30 2.08 -13.26
N LYS A 208 -1.39 1.53 -14.07
CA LYS A 208 -0.45 0.51 -13.62
C LYS A 208 0.63 1.12 -12.75
N ARG A 209 0.73 2.43 -12.79
CA ARG A 209 1.71 3.22 -12.03
C ARG A 209 1.21 3.56 -10.65
N ILE A 210 -0.01 3.11 -10.26
CA ILE A 210 -0.58 3.40 -8.95
C ILE A 210 -0.75 2.12 -8.18
N ALA A 211 0.05 1.95 -7.12
CA ALA A 211 0.11 0.80 -6.23
C ALA A 211 -0.17 1.20 -4.76
N VAL A 212 -0.26 0.20 -3.89
CA VAL A 212 -0.55 0.42 -2.47
C VAL A 212 0.72 0.28 -1.64
N ALA A 213 0.85 1.16 -0.63
CA ALA A 213 1.85 1.15 0.44
C ALA A 213 0.95 1.00 1.68
N LEU A 214 0.73 -0.25 2.10
CA LEU A 214 -0.18 -0.61 3.18
C LEU A 214 0.46 -0.46 4.58
N GLU A 215 -0.03 0.51 5.33
CA GLU A 215 0.44 0.85 6.67
C GLU A 215 -0.32 0.05 7.73
N ILE A 216 0.42 -0.77 8.48
CA ILE A 216 -0.01 -1.69 9.53
C ILE A 216 0.10 -1.08 10.95
N GLY A 217 -0.99 -1.08 11.69
CA GLY A 217 -1.05 -0.56 13.04
C GLY A 217 -0.78 -1.58 14.13
N ALA A 218 -0.67 -1.08 15.39
CA ALA A 218 -0.42 -1.84 16.61
C ALA A 218 -1.49 -2.89 16.81
N ASP A 219 -2.76 -2.54 16.58
CA ASP A 219 -3.80 -3.57 16.67
C ASP A 219 -4.34 -3.92 15.28
N LEU A 220 -4.22 -5.21 14.92
CA LEU A 220 -4.66 -5.69 13.61
C LEU A 220 -6.17 -5.72 13.60
N PRO A 221 -6.81 -5.44 12.42
CA PRO A 221 -8.27 -5.49 12.36
C PRO A 221 -8.73 -6.94 12.26
N SER A 222 -10.05 -7.16 12.09
CA SER A 222 -10.62 -8.49 11.85
C SER A 222 -10.02 -9.01 10.54
N ASN A 223 -9.92 -10.33 10.40
CA ASN A 223 -9.32 -10.97 9.23
C ASN A 223 -9.95 -10.55 7.91
N HIS A 224 -11.29 -10.35 7.88
CA HIS A 224 -12.03 -9.97 6.67
C HIS A 224 -11.49 -8.69 6.06
N VAL A 225 -11.10 -7.75 6.92
CA VAL A 225 -10.49 -6.47 6.56
C VAL A 225 -9.10 -6.71 5.92
N ILE A 226 -8.28 -7.62 6.48
CA ILE A 226 -6.96 -7.96 5.94
C ILE A 226 -7.16 -8.65 4.58
N ASP A 227 -8.13 -9.56 4.49
CA ASP A 227 -8.46 -10.25 3.25
C ASP A 227 -8.94 -9.32 2.10
N ARG A 228 -9.51 -8.14 2.41
CA ARG A 228 -9.96 -7.14 1.41
C ARG A 228 -8.81 -6.66 0.51
N TRP A 229 -7.56 -6.74 1.00
CA TRP A 229 -6.35 -6.30 0.31
C TRP A 229 -5.75 -7.38 -0.55
N LEU A 230 -6.41 -8.54 -0.56
CA LEU A 230 -6.04 -9.69 -1.40
C LEU A 230 -6.33 -9.34 -2.83
N GLY A 231 -5.37 -9.62 -3.70
CA GLY A 231 -5.46 -9.33 -5.13
C GLY A 231 -5.19 -7.90 -5.51
N GLU A 232 -4.82 -7.07 -4.54
CA GLU A 232 -4.53 -5.64 -4.74
C GLU A 232 -3.06 -5.41 -5.04
N PRO A 233 -2.72 -4.38 -5.85
CA PRO A 233 -1.30 -4.12 -6.16
C PRO A 233 -0.46 -3.58 -5.00
N ILE A 234 -0.13 -4.45 -4.01
CA ILE A 234 0.66 -4.00 -2.86
C ILE A 234 2.13 -4.08 -3.22
N LYS A 235 2.76 -2.91 -3.24
CA LYS A 235 4.18 -2.76 -3.55
C LYS A 235 5.00 -2.63 -2.31
N ALA A 236 4.43 -2.01 -1.26
CA ALA A 236 5.13 -1.84 0.00
C ALA A 236 4.21 -2.01 1.18
N ALA A 237 4.79 -2.40 2.34
CA ALA A 237 4.14 -2.54 3.64
C ALA A 237 4.87 -1.61 4.62
N ILE A 238 4.10 -0.73 5.30
CA ILE A 238 4.69 0.24 6.25
C ILE A 238 4.52 -0.22 7.70
N LEU A 239 5.65 -0.52 8.35
CA LEU A 239 5.71 -0.98 9.75
C LEU A 239 6.21 0.10 10.68
N PRO A 240 5.31 0.76 11.44
CA PRO A 240 5.77 1.77 12.41
C PRO A 240 6.52 1.06 13.54
N THR A 241 7.61 1.66 14.03
CA THR A 241 8.41 1.10 15.13
C THR A 241 7.55 0.77 16.36
N SER A 242 6.51 1.62 16.60
CA SER A 242 5.58 1.54 17.71
C SER A 242 4.74 0.26 17.77
N ILE A 243 4.73 -0.55 16.72
CA ILE A 243 3.89 -1.77 16.70
C ILE A 243 4.71 -2.98 17.19
N PHE A 244 6.02 -2.79 17.32
CA PHE A 244 6.95 -3.81 17.77
C PHE A 244 6.88 -3.98 19.26
N LEU A 245 6.74 -5.23 19.69
CA LEU A 245 6.75 -5.62 21.10
C LEU A 245 8.23 -5.77 21.52
N THR A 246 8.50 -5.69 22.83
CA THR A 246 9.85 -5.85 23.36
C THR A 246 10.00 -7.26 23.94
N ASN A 247 11.07 -7.99 23.52
CA ASN A 247 11.29 -9.34 24.05
C ASN A 247 12.08 -9.23 25.37
N LYS A 248 12.25 -10.36 26.09
CA LYS A 248 12.95 -10.38 27.39
C LYS A 248 14.38 -9.79 27.34
N LYS A 249 15.09 -9.90 26.20
CA LYS A 249 16.43 -9.33 26.05
C LYS A 249 16.40 -7.83 25.64
N GLY A 250 15.21 -7.32 25.31
CA GLY A 250 14.98 -5.92 24.94
C GLY A 250 14.98 -5.58 23.46
N PHE A 251 15.01 -6.59 22.59
CA PHE A 251 15.02 -6.44 21.14
C PHE A 251 13.63 -6.25 20.54
N PRO A 252 13.50 -5.51 19.42
CA PRO A 252 12.16 -5.34 18.82
C PRO A 252 11.70 -6.64 18.18
N VAL A 253 10.49 -7.09 18.50
CA VAL A 253 9.88 -8.32 17.99
C VAL A 253 8.41 -8.04 17.62
N LEU A 254 7.68 -9.03 17.04
CA LEU A 254 6.26 -8.85 16.69
C LEU A 254 5.35 -9.95 17.26
N SER A 255 4.04 -9.62 17.40
CA SER A 255 2.99 -10.54 17.84
C SER A 255 2.82 -11.64 16.81
N LYS A 256 2.35 -12.83 17.23
CA LYS A 256 2.13 -13.99 16.35
C LYS A 256 1.21 -13.63 15.17
N MET A 257 0.24 -12.72 15.43
CA MET A 257 -0.70 -12.20 14.44
C MET A 257 -0.02 -11.31 13.42
N HIS A 258 0.86 -10.39 13.89
CA HIS A 258 1.64 -9.50 13.03
C HIS A 258 2.61 -10.33 12.20
N GLN A 259 3.22 -11.34 12.81
CA GLN A 259 4.13 -12.30 12.19
C GLN A 259 3.41 -13.03 11.06
N ARG A 260 2.13 -13.45 11.29
CA ARG A 260 1.27 -14.15 10.32
C ARG A 260 1.08 -13.32 9.06
N LEU A 261 0.76 -12.02 9.23
CA LEU A 261 0.59 -11.06 8.14
C LEU A 261 1.92 -10.78 7.40
N ILE A 262 3.08 -10.74 8.11
CA ILE A 262 4.40 -10.54 7.49
C ILE A 262 4.71 -11.67 6.50
N PHE A 263 4.35 -12.92 6.87
CA PHE A 263 4.55 -14.09 6.01
C PHE A 263 3.70 -14.04 4.73
N ARG A 264 2.48 -13.46 4.81
CA ARG A 264 1.58 -13.26 3.66
C ARG A 264 2.28 -12.26 2.74
N LEU A 265 2.74 -11.14 3.31
CA LEU A 265 3.43 -10.08 2.62
C LEU A 265 4.78 -10.47 2.03
N LEU A 266 5.47 -11.48 2.63
CA LEU A 266 6.75 -11.95 2.09
C LEU A 266 6.51 -12.73 0.81
N LYS A 267 5.40 -13.51 0.77
CA LYS A 267 4.98 -14.27 -0.42
C LYS A 267 4.64 -13.31 -1.57
N LEU A 268 4.15 -12.10 -1.25
CA LEU A 268 3.85 -11.05 -2.22
C LEU A 268 5.07 -10.25 -2.63
N GLU A 269 6.20 -10.52 -1.99
CA GLU A 269 7.48 -9.86 -2.26
C GLU A 269 7.38 -8.33 -2.21
N VAL A 270 6.69 -7.83 -1.19
CA VAL A 270 6.55 -6.40 -0.98
C VAL A 270 7.86 -5.83 -0.42
N GLN A 271 8.04 -4.52 -0.54
CA GLN A 271 9.17 -3.86 0.07
C GLN A 271 8.72 -3.36 1.45
N PHE A 272 9.52 -3.68 2.49
CA PHE A 272 9.15 -3.30 3.87
C PHE A 272 9.72 -1.95 4.24
N ILE A 273 8.84 -1.04 4.69
CA ILE A 273 9.23 0.31 5.07
C ILE A 273 9.08 0.48 6.58
N ILE A 274 10.18 0.91 7.24
CA ILE A 274 10.23 1.18 8.68
C ILE A 274 10.06 2.68 8.85
N THR A 275 8.95 3.07 9.52
CA THR A 275 8.63 4.44 9.87
C THR A 275 8.64 4.57 11.40
N GLY A 276 8.88 5.79 11.89
CA GLY A 276 8.91 6.13 13.31
C GLY A 276 10.30 6.19 13.96
N THR A 277 10.39 6.85 15.14
CA THR A 277 11.66 6.94 15.89
C THR A 277 11.97 5.61 16.59
N ASN A 278 13.22 5.45 17.07
CA ASN A 278 13.62 4.24 17.78
C ASN A 278 13.05 4.26 19.21
N HIS A 279 12.19 3.28 19.52
CA HIS A 279 11.55 3.13 20.83
C HIS A 279 12.16 1.98 21.65
N HIS A 280 13.15 1.28 21.04
CA HIS A 280 13.96 0.22 21.61
C HIS A 280 15.39 0.82 21.60
N SER A 281 15.49 2.07 22.16
CA SER A 281 16.66 2.95 22.22
C SER A 281 17.99 2.28 22.63
N GLU A 282 17.93 1.21 23.47
CA GLU A 282 19.09 0.42 23.91
C GLU A 282 19.76 -0.33 22.73
N LYS A 283 19.10 -0.33 21.55
CA LYS A 283 19.55 -0.96 20.30
C LYS A 283 19.62 0.11 19.18
N GLU A 284 19.75 -0.33 17.91
CA GLU A 284 19.82 0.56 16.74
C GLU A 284 18.70 0.25 15.72
N PHE A 285 18.47 1.16 14.74
CA PHE A 285 17.45 1.00 13.68
C PHE A 285 17.64 -0.25 12.80
N CYS A 286 18.81 -0.92 12.91
CA CYS A 286 19.10 -2.15 12.19
C CYS A 286 18.51 -3.35 12.93
N SER A 287 18.11 -3.18 14.22
CA SER A 287 17.51 -4.26 15.02
C SER A 287 16.07 -4.54 14.60
N TYR A 288 15.34 -3.49 14.11
CA TYR A 288 13.97 -3.60 13.57
C TYR A 288 14.04 -4.41 12.29
N LEU A 289 15.03 -4.08 11.47
CA LEU A 289 15.34 -4.69 10.19
C LEU A 289 15.82 -6.14 10.36
N GLN A 290 16.70 -6.39 11.36
CA GLN A 290 17.26 -7.72 11.71
C GLN A 290 16.17 -8.73 12.02
N TYR A 291 15.09 -8.28 12.68
CA TYR A 291 13.96 -9.12 13.03
C TYR A 291 13.24 -9.63 11.78
N LEU A 292 13.00 -8.72 10.80
CA LEU A 292 12.35 -9.02 9.53
C LEU A 292 13.15 -10.06 8.75
N GLU A 293 14.51 -9.89 8.69
CA GLU A 293 15.42 -10.81 8.01
C GLU A 293 15.34 -12.18 8.69
N TYR A 294 15.23 -12.18 10.06
CA TYR A 294 15.04 -13.37 10.88
C TYR A 294 13.74 -14.04 10.45
N LEU A 295 12.61 -13.29 10.47
CA LEU A 295 11.31 -13.83 10.03
C LEU A 295 11.34 -14.39 8.60
N SER A 296 12.04 -13.68 7.70
CA SER A 296 12.23 -14.02 6.29
C SER A 296 12.97 -15.35 6.11
N GLN A 297 14.13 -15.49 6.76
CA GLN A 297 14.97 -16.68 6.71
C GLN A 297 14.30 -17.90 7.36
N ASN A 298 13.52 -17.66 8.43
CA ASN A 298 12.84 -18.72 9.19
C ASN A 298 11.48 -19.15 8.60
N ARG A 299 11.03 -18.56 7.48
CA ARG A 299 9.77 -18.97 6.85
C ARG A 299 9.98 -20.33 6.12
N PRO A 300 8.92 -21.15 5.86
CA PRO A 300 9.14 -22.45 5.17
C PRO A 300 9.78 -22.27 3.78
N PRO A 301 10.71 -23.18 3.40
CA PRO A 301 11.38 -23.02 2.08
C PRO A 301 10.49 -23.35 0.86
N PRO A 302 10.93 -23.04 -0.40
CA PRO A 302 10.07 -23.39 -1.55
C PRO A 302 10.12 -24.87 -1.92
N ASN A 303 8.94 -25.50 -2.07
CA ASN A 303 8.82 -26.91 -2.45
C ASN A 303 9.14 -27.11 -3.95
N ALA A 304 8.84 -28.29 -4.51
CA ALA A 304 9.08 -28.59 -5.93
C ALA A 304 8.26 -27.65 -6.83
N TYR A 305 6.93 -27.54 -6.56
CA TYR A 305 5.99 -26.67 -7.29
C TYR A 305 6.38 -25.17 -7.15
N GLU A 306 6.72 -24.74 -5.91
CA GLU A 306 7.10 -23.36 -5.57
C GLU A 306 8.41 -22.91 -6.24
N LEU A 307 9.31 -23.86 -6.53
CA LEU A 307 10.57 -23.55 -7.22
C LEU A 307 10.34 -23.55 -8.74
N PHE A 308 9.51 -24.48 -9.23
CA PHE A 308 9.15 -24.61 -10.65
C PHE A 308 8.52 -23.30 -11.15
N ALA A 309 7.41 -22.92 -10.51
CA ALA A 309 6.59 -21.75 -10.79
C ALA A 309 7.17 -20.53 -10.10
N LYS A 310 8.43 -20.18 -10.43
CA LYS A 310 9.06 -19.06 -9.75
C LYS A 310 8.84 -17.73 -10.48
N GLY A 311 9.31 -17.63 -11.71
CA GLY A 311 9.11 -16.41 -12.48
C GLY A 311 7.77 -16.33 -13.20
N TYR A 312 6.88 -17.32 -12.93
CA TYR A 312 5.59 -17.42 -13.61
C TYR A 312 4.40 -16.84 -12.83
N GLU A 313 4.62 -16.35 -11.59
CA GLU A 313 3.58 -15.78 -10.71
C GLU A 313 2.88 -14.62 -11.38
N ASP A 314 1.59 -14.83 -11.69
CA ASP A 314 0.68 -13.89 -12.33
C ASP A 314 1.11 -13.45 -13.76
N TYR A 315 1.93 -14.27 -14.42
CA TYR A 315 2.40 -14.04 -15.78
C TYR A 315 1.37 -14.69 -16.71
N LEU A 316 0.65 -13.90 -17.50
CA LEU A 316 -0.37 -14.45 -18.40
C LEU A 316 0.26 -15.08 -19.62
N GLN A 317 -0.19 -16.29 -19.97
CA GLN A 317 0.29 -16.98 -21.16
C GLN A 317 -0.92 -17.43 -21.96
N SER A 318 -0.79 -17.50 -23.28
CA SER A 318 -1.81 -18.05 -24.15
C SER A 318 -1.88 -19.58 -23.87
N PRO A 319 -3.07 -20.18 -23.75
CA PRO A 319 -3.11 -21.65 -23.60
C PRO A 319 -2.60 -22.27 -24.91
N LEU A 320 -1.85 -23.37 -24.80
CA LEU A 320 -1.33 -24.09 -25.95
C LEU A 320 -2.46 -24.68 -26.78
N GLN A 321 -2.27 -24.72 -28.11
CA GLN A 321 -3.21 -25.36 -29.05
C GLN A 321 -2.41 -26.40 -29.83
N PRO A 322 -2.05 -27.55 -29.18
CA PRO A 322 -1.17 -28.54 -29.82
C PRO A 322 -1.73 -29.25 -31.04
N LEU A 323 -3.05 -29.17 -31.27
CA LEU A 323 -3.67 -29.79 -32.41
C LEU A 323 -3.44 -28.97 -33.69
N MET A 324 -3.60 -27.64 -33.58
N MET A 324 -3.59 -27.65 -33.58
CA MET A 324 -3.47 -26.66 -34.65
CA MET A 324 -3.43 -26.74 -34.70
C MET A 324 -1.98 -26.36 -34.91
C MET A 324 -1.95 -26.41 -34.93
N ASP A 325 -1.17 -26.30 -33.85
CA ASP A 325 0.27 -26.00 -33.90
C ASP A 325 1.10 -27.19 -33.49
N ASN A 326 2.23 -27.37 -34.16
CA ASN A 326 3.20 -28.39 -33.77
C ASN A 326 4.14 -27.75 -32.69
N LEU A 327 4.12 -28.29 -31.47
CA LEU A 327 4.94 -27.78 -30.35
C LEU A 327 6.41 -27.97 -30.59
N GLU A 328 7.21 -27.02 -30.11
CA GLU A 328 8.68 -27.06 -30.22
C GLU A 328 9.31 -28.14 -29.33
N SER A 329 10.58 -28.48 -29.60
CA SER A 329 11.32 -29.51 -28.90
C SER A 329 11.40 -29.23 -27.40
N GLN A 330 11.72 -27.99 -27.04
CA GLN A 330 11.85 -27.54 -25.66
C GLN A 330 10.53 -27.53 -24.91
N THR A 331 9.37 -27.62 -25.64
CA THR A 331 8.06 -27.68 -25.01
C THR A 331 7.81 -29.10 -24.55
N TYR A 332 8.19 -30.11 -25.36
CA TYR A 332 8.04 -31.52 -24.96
C TYR A 332 9.03 -31.80 -23.83
N GLU A 333 10.22 -31.19 -23.87
CA GLU A 333 11.19 -31.36 -22.81
C GLU A 333 10.68 -30.92 -21.41
N VAL A 334 10.00 -29.75 -21.30
CA VAL A 334 9.44 -29.36 -19.99
C VAL A 334 8.24 -30.23 -19.69
N PHE A 335 7.49 -30.66 -20.71
CA PHE A 335 6.36 -31.56 -20.48
C PHE A 335 6.84 -32.84 -19.76
N GLU A 336 8.03 -33.35 -20.13
CA GLU A 336 8.69 -34.58 -19.68
C GLU A 336 9.31 -34.48 -18.28
N LYS A 337 9.49 -33.23 -17.81
CA LYS A 337 10.07 -32.86 -16.51
C LYS A 337 8.97 -32.91 -15.43
N ASP A 338 8.24 -34.01 -15.35
CA ASP A 338 7.18 -34.19 -14.36
C ASP A 338 7.10 -35.67 -13.96
N PRO A 339 7.92 -36.09 -12.98
CA PRO A 339 7.92 -37.51 -12.59
C PRO A 339 6.58 -38.03 -12.05
N ILE A 340 5.90 -37.22 -11.22
CA ILE A 340 4.60 -37.59 -10.64
C ILE A 340 3.60 -37.94 -11.74
N LYS A 341 3.47 -37.08 -12.76
CA LYS A 341 2.54 -37.30 -13.89
C LYS A 341 2.75 -38.66 -14.57
N TYR A 342 4.01 -38.99 -14.90
CA TYR A 342 4.30 -40.22 -15.61
C TYR A 342 4.29 -41.43 -14.71
N SER A 343 4.66 -41.29 -13.39
CA SER A 343 4.56 -42.37 -12.37
C SER A 343 3.13 -42.83 -12.32
N GLN A 344 2.19 -41.87 -12.33
CA GLN A 344 0.75 -42.06 -12.31
C GLN A 344 0.27 -42.73 -13.55
N TYR A 345 0.82 -42.36 -14.72
CA TYR A 345 0.41 -43.02 -15.96
C TYR A 345 0.89 -44.48 -15.96
N GLN A 346 2.12 -44.72 -15.47
CA GLN A 346 2.69 -46.06 -15.34
C GLN A 346 1.78 -46.93 -14.48
N GLN A 347 1.45 -46.46 -13.27
CA GLN A 347 0.59 -47.13 -12.31
C GLN A 347 -0.78 -47.43 -12.83
N ALA A 348 -1.28 -46.58 -13.73
CA ALA A 348 -2.60 -46.75 -14.32
C ALA A 348 -2.60 -47.84 -15.37
N ILE A 349 -1.50 -47.95 -16.18
CA ILE A 349 -1.36 -48.99 -17.21
C ILE A 349 -1.09 -50.32 -16.49
N TYR A 350 -0.16 -50.30 -15.51
CA TYR A 350 0.19 -51.45 -14.66
C TYR A 350 -1.07 -52.10 -14.09
N LYS A 351 -1.98 -51.30 -13.46
CA LYS A 351 -3.24 -51.77 -12.87
C LYS A 351 -4.17 -52.37 -13.92
N CYS A 352 -4.25 -51.75 -15.11
CA CYS A 352 -5.11 -52.18 -16.20
C CYS A 352 -4.70 -53.51 -16.84
N LEU A 353 -3.39 -53.72 -17.04
CA LEU A 353 -2.85 -54.94 -17.65
C LEU A 353 -3.21 -56.15 -16.77
N LEU A 354 -3.00 -56.01 -15.44
CA LEU A 354 -3.33 -57.04 -14.45
C LEU A 354 -4.82 -57.40 -14.43
N ASP A 355 -5.71 -56.41 -14.58
CA ASP A 355 -7.16 -56.61 -14.59
C ASP A 355 -7.61 -57.24 -15.90
N ARG A 356 -6.86 -56.98 -16.98
CA ARG A 356 -7.18 -57.45 -18.33
C ARG A 356 -6.62 -58.83 -18.66
N VAL A 357 -5.45 -59.19 -18.11
CA VAL A 357 -4.87 -60.50 -18.43
C VAL A 357 -4.41 -61.25 -17.15
N PRO A 358 -5.17 -62.33 -16.76
CA PRO A 358 -4.80 -63.12 -15.56
C PRO A 358 -3.48 -63.88 -15.71
N GLU A 359 -2.80 -64.20 -14.57
CA GLU A 359 -1.49 -64.89 -14.45
C GLU A 359 -1.29 -66.15 -15.33
N GLU A 360 -2.35 -66.92 -15.58
CA GLU A 360 -2.31 -68.13 -16.41
C GLU A 360 -2.22 -67.79 -17.91
N GLU A 361 -2.52 -66.52 -18.26
CA GLU A 361 -2.47 -66.01 -19.65
C GLU A 361 -1.25 -65.09 -19.88
N LYS A 362 -0.40 -64.86 -18.84
CA LYS A 362 0.78 -63.96 -18.83
C LYS A 362 1.84 -64.22 -19.95
N ASP A 363 1.62 -65.21 -20.83
CA ASP A 363 2.51 -65.51 -21.95
C ASP A 363 1.75 -65.80 -23.27
N THR A 364 0.42 -66.00 -23.20
CA THR A 364 -0.40 -66.24 -24.38
C THR A 364 -1.18 -64.96 -24.86
N ASN A 365 -1.40 -63.98 -23.93
CA ASN A 365 -2.16 -62.75 -24.21
C ASN A 365 -1.30 -61.48 -24.22
N VAL A 366 -0.88 -61.09 -25.44
CA VAL A 366 -0.09 -59.88 -25.67
C VAL A 366 -1.09 -58.72 -25.90
N GLN A 367 -1.12 -57.76 -24.96
CA GLN A 367 -2.05 -56.62 -25.02
C GLN A 367 -1.61 -55.56 -26.03
N VAL A 368 -2.52 -55.21 -26.96
CA VAL A 368 -2.26 -54.20 -27.97
C VAL A 368 -2.65 -52.81 -27.36
N LEU A 369 -1.59 -52.10 -26.96
CA LEU A 369 -1.57 -50.78 -26.37
C LEU A 369 -1.30 -49.67 -27.45
N MET A 370 -2.12 -48.59 -27.48
CA MET A 370 -1.95 -47.47 -28.41
C MET A 370 -1.73 -46.11 -27.71
N VAL A 371 -0.55 -45.50 -27.90
CA VAL A 371 -0.26 -44.17 -27.35
C VAL A 371 -0.70 -43.17 -28.40
N LEU A 372 -1.78 -42.45 -28.12
CA LEU A 372 -2.45 -41.51 -29.03
C LEU A 372 -2.05 -40.08 -28.76
N GLY A 373 -1.06 -39.60 -29.50
CA GLY A 373 -0.44 -38.30 -29.33
C GLY A 373 0.77 -38.58 -28.46
N ALA A 374 1.76 -39.30 -29.02
CA ALA A 374 2.94 -39.85 -28.34
C ALA A 374 4.10 -38.91 -28.11
N GLY A 375 4.06 -37.73 -28.71
CA GLY A 375 5.09 -36.70 -28.58
C GLY A 375 6.49 -37.23 -28.80
N ARG A 376 7.36 -37.11 -27.78
CA ARG A 376 8.70 -37.66 -27.88
C ARG A 376 8.83 -39.11 -27.29
N GLY A 377 7.71 -39.67 -26.81
CA GLY A 377 7.59 -41.02 -26.26
C GLY A 377 7.53 -41.26 -24.74
N PRO A 378 7.18 -40.28 -23.84
CA PRO A 378 7.19 -40.60 -22.39
C PRO A 378 6.11 -41.57 -21.93
N LEU A 379 4.99 -41.67 -22.64
CA LEU A 379 3.90 -42.60 -22.35
C LEU A 379 4.16 -43.96 -23.01
N VAL A 380 5.09 -44.02 -24.01
CA VAL A 380 5.48 -45.25 -24.70
C VAL A 380 6.42 -46.01 -23.72
N ASN A 381 7.38 -45.29 -23.09
CA ASN A 381 8.30 -45.82 -22.11
C ASN A 381 7.56 -46.16 -20.82
N ALA A 382 6.53 -45.34 -20.46
CA ALA A 382 5.74 -45.60 -19.27
C ALA A 382 4.91 -46.88 -19.46
N SER A 383 4.46 -47.16 -20.69
CA SER A 383 3.71 -48.38 -21.04
C SER A 383 4.61 -49.62 -20.92
N LEU A 384 5.89 -49.46 -21.30
CA LEU A 384 6.91 -50.50 -21.27
C LEU A 384 7.30 -50.82 -19.84
N ARG A 385 7.46 -49.78 -18.99
CA ARG A 385 7.81 -49.96 -17.58
C ARG A 385 6.66 -50.62 -16.82
N ALA A 386 5.41 -50.32 -17.23
CA ALA A 386 4.19 -50.88 -16.67
C ALA A 386 4.12 -52.37 -16.97
N ALA A 387 4.29 -52.78 -18.25
CA ALA A 387 4.28 -54.18 -18.71
C ALA A 387 5.37 -55.06 -18.03
N LYS A 388 6.61 -54.52 -17.84
CA LYS A 388 7.67 -55.23 -17.14
C LYS A 388 7.33 -55.46 -15.65
N GLN A 389 6.81 -54.42 -14.98
CA GLN A 389 6.39 -54.44 -13.57
C GLN A 389 5.17 -55.37 -13.38
N ALA A 390 4.26 -55.39 -14.36
CA ALA A 390 3.06 -56.24 -14.30
C ALA A 390 3.37 -57.66 -14.72
N ASP A 391 4.56 -57.86 -15.34
CA ASP A 391 5.03 -59.11 -15.94
C ASP A 391 3.99 -59.58 -16.96
N ARG A 392 3.63 -58.66 -17.88
CA ARG A 392 2.70 -58.96 -18.96
C ARG A 392 3.31 -58.54 -20.30
N ARG A 393 2.75 -59.07 -21.40
CA ARG A 393 3.25 -58.86 -22.75
C ARG A 393 2.47 -57.76 -23.51
N ILE A 394 3.19 -56.80 -24.15
CA ILE A 394 2.51 -55.72 -24.88
C ILE A 394 3.04 -55.45 -26.30
N LYS A 395 2.14 -55.00 -27.14
CA LYS A 395 2.37 -54.52 -28.49
C LYS A 395 2.00 -53.04 -28.42
N LEU A 396 2.89 -52.14 -28.90
CA LEU A 396 2.69 -50.70 -28.86
C LEU A 396 2.62 -50.04 -30.21
N TYR A 397 1.65 -49.13 -30.36
CA TYR A 397 1.52 -48.26 -31.53
C TYR A 397 1.65 -46.84 -30.99
N ALA A 398 2.70 -46.10 -31.40
CA ALA A 398 2.95 -44.72 -31.00
C ALA A 398 2.47 -43.77 -32.09
N VAL A 399 1.23 -43.22 -31.95
CA VAL A 399 0.61 -42.28 -32.91
C VAL A 399 0.94 -40.81 -32.57
N GLU A 400 1.49 -40.07 -33.53
CA GLU A 400 1.87 -38.66 -33.36
C GLU A 400 1.60 -37.89 -34.65
N LYS A 401 0.87 -36.76 -34.57
CA LYS A 401 0.60 -35.98 -35.77
C LYS A 401 1.74 -35.03 -36.08
N ASN A 402 2.46 -34.56 -35.06
CA ASN A 402 3.57 -33.61 -35.19
C ASN A 402 4.78 -34.30 -35.82
N PRO A 403 5.04 -34.08 -37.14
CA PRO A 403 6.17 -34.75 -37.80
C PRO A 403 7.52 -34.54 -37.15
N ASN A 404 7.72 -33.39 -36.51
CA ASN A 404 8.99 -33.08 -35.87
C ASN A 404 9.25 -33.95 -34.64
N ALA A 405 8.20 -34.24 -33.84
CA ALA A 405 8.30 -35.09 -32.65
C ALA A 405 8.50 -36.54 -33.13
N VAL A 406 7.81 -36.95 -34.24
CA VAL A 406 7.90 -38.23 -34.93
C VAL A 406 9.37 -38.56 -35.29
N VAL A 407 10.24 -37.54 -35.45
CA VAL A 407 11.67 -37.72 -35.75
C VAL A 407 12.36 -38.36 -34.49
N THR A 408 11.93 -37.95 -33.29
CA THR A 408 12.44 -38.43 -32.00
C THR A 408 11.98 -39.87 -31.82
N LEU A 409 10.68 -40.11 -32.06
CA LEU A 409 10.05 -41.40 -31.95
C LEU A 409 10.75 -42.47 -32.81
N GLU A 410 10.98 -42.18 -34.11
CA GLU A 410 11.61 -43.07 -35.10
C GLU A 410 13.09 -43.32 -34.82
N ASN A 411 13.79 -42.33 -34.23
CA ASN A 411 15.18 -42.51 -33.82
C ASN A 411 15.21 -43.31 -32.50
N TRP A 412 14.13 -43.27 -31.68
CA TRP A 412 14.02 -44.01 -30.42
C TRP A 412 13.71 -45.46 -30.75
N GLN A 413 12.78 -45.69 -31.70
CA GLN A 413 12.37 -47.04 -32.07
C GLN A 413 13.52 -47.80 -32.75
N PHE A 414 14.32 -47.12 -33.57
CA PHE A 414 15.45 -47.77 -34.21
C PHE A 414 16.57 -48.09 -33.20
N GLU A 415 16.97 -47.09 -32.40
CA GLU A 415 18.05 -47.18 -31.42
C GLU A 415 17.73 -47.99 -30.16
N GLU A 416 16.46 -48.00 -29.69
CA GLU A 416 16.12 -48.69 -28.44
C GLU A 416 14.87 -49.61 -28.50
N TRP A 417 13.67 -49.04 -28.64
CA TRP A 417 12.40 -49.76 -28.58
C TRP A 417 12.28 -51.04 -29.44
N GLY A 418 12.82 -51.02 -30.65
CA GLY A 418 12.71 -52.15 -31.56
C GLY A 418 11.31 -52.32 -32.11
N SER A 419 11.09 -53.43 -32.86
CA SER A 419 9.84 -53.84 -33.53
C SER A 419 8.58 -53.86 -32.61
N GLN A 420 8.79 -53.84 -31.27
CA GLN A 420 7.70 -53.80 -30.29
C GLN A 420 6.83 -52.54 -30.51
N VAL A 421 7.52 -51.40 -30.81
CA VAL A 421 6.88 -50.10 -31.06
C VAL A 421 6.79 -49.79 -32.56
N THR A 422 5.54 -49.60 -33.01
CA THR A 422 5.14 -49.17 -34.34
C THR A 422 4.78 -47.63 -34.28
N VAL A 423 5.71 -46.79 -34.74
CA VAL A 423 5.53 -45.34 -34.84
C VAL A 423 4.61 -45.01 -36.02
N VAL A 424 3.52 -44.28 -35.77
CA VAL A 424 2.54 -43.88 -36.78
C VAL A 424 2.56 -42.36 -36.85
N SER A 425 2.89 -41.80 -38.03
CA SER A 425 2.93 -40.36 -38.25
C SER A 425 1.60 -39.98 -38.89
N SER A 426 0.57 -39.85 -38.04
CA SER A 426 -0.78 -39.53 -38.49
C SER A 426 -1.58 -38.81 -37.43
N ASP A 427 -2.69 -38.22 -37.86
CA ASP A 427 -3.68 -37.65 -36.99
C ASP A 427 -4.50 -38.88 -36.55
N MET A 428 -4.81 -39.02 -35.24
CA MET A 428 -5.55 -40.16 -34.71
C MET A 428 -6.97 -40.31 -35.25
N ARG A 429 -7.55 -39.24 -35.78
CA ARG A 429 -8.91 -39.18 -36.33
C ARG A 429 -8.95 -39.65 -37.76
N GLU A 430 -7.78 -39.69 -38.42
CA GLU A 430 -7.68 -40.09 -39.81
C GLU A 430 -6.98 -41.45 -40.01
N TRP A 431 -6.21 -41.92 -39.01
CA TRP A 431 -5.48 -43.18 -39.05
C TRP A 431 -6.38 -44.39 -39.13
N VAL A 432 -6.17 -45.20 -40.20
CA VAL A 432 -6.83 -46.48 -40.43
C VAL A 432 -5.89 -47.45 -39.78
N ALA A 433 -6.25 -47.91 -38.58
CA ALA A 433 -5.44 -48.83 -37.79
C ALA A 433 -5.55 -50.26 -38.33
N PRO A 434 -4.44 -51.05 -38.37
CA PRO A 434 -4.56 -52.45 -38.86
C PRO A 434 -5.43 -53.35 -37.96
N GLU A 435 -5.29 -53.19 -36.62
CA GLU A 435 -6.01 -53.96 -35.60
C GLU A 435 -6.58 -53.07 -34.49
N LYS A 436 -7.52 -53.61 -33.67
CA LYS A 436 -8.13 -52.89 -32.55
C LYS A 436 -7.21 -52.88 -31.32
N ALA A 437 -7.40 -51.88 -30.43
CA ALA A 437 -6.59 -51.74 -29.22
C ALA A 437 -7.34 -52.21 -27.98
N ASP A 438 -6.58 -52.69 -27.00
CA ASP A 438 -7.08 -53.14 -25.71
C ASP A 438 -7.14 -51.91 -24.81
N ILE A 439 -6.09 -51.08 -24.91
CA ILE A 439 -5.94 -49.82 -24.19
C ILE A 439 -5.39 -48.79 -25.14
N ILE A 440 -6.05 -47.63 -25.16
CA ILE A 440 -5.60 -46.40 -25.80
C ILE A 440 -5.16 -45.51 -24.60
N VAL A 441 -3.91 -45.04 -24.63
CA VAL A 441 -3.30 -44.15 -23.62
C VAL A 441 -3.04 -42.79 -24.31
N SER A 442 -3.26 -41.64 -23.60
CA SER A 442 -3.04 -40.29 -24.14
C SER A 442 -2.90 -39.26 -23.04
N GLU A 443 -2.19 -38.16 -23.32
CA GLU A 443 -2.00 -37.01 -22.41
C GLU A 443 -2.42 -35.75 -23.18
N LEU A 444 -3.66 -35.74 -23.70
CA LEU A 444 -4.18 -34.62 -24.50
C LEU A 444 -4.81 -33.51 -23.67
N LEU A 445 -4.63 -33.54 -22.35
CA LEU A 445 -5.31 -32.61 -21.47
C LEU A 445 -4.57 -31.33 -21.21
N GLY A 446 -5.34 -30.25 -21.17
CA GLY A 446 -4.84 -28.92 -20.86
C GLY A 446 -5.25 -28.52 -19.45
N SER A 447 -4.91 -27.31 -19.06
CA SER A 447 -5.25 -26.76 -17.73
C SER A 447 -6.73 -26.76 -17.43
N PHE A 448 -7.62 -26.76 -18.46
CA PHE A 448 -9.09 -26.80 -18.30
C PHE A 448 -9.68 -28.13 -18.77
N ALA A 449 -8.81 -29.17 -18.76
CA ALA A 449 -9.04 -30.54 -19.19
C ALA A 449 -9.25 -30.64 -20.71
N ASP A 450 -10.46 -30.37 -21.18
CA ASP A 450 -10.83 -30.47 -22.59
C ASP A 450 -10.41 -29.29 -23.51
N ASN A 451 -9.68 -28.27 -23.00
CA ASN A 451 -9.34 -27.07 -23.78
C ASN A 451 -8.37 -27.30 -24.94
N GLU A 452 -7.68 -28.46 -24.96
CA GLU A 452 -6.75 -28.80 -26.02
C GLU A 452 -7.37 -29.73 -26.98
N LEU A 453 -8.67 -30.06 -26.75
CA LEU A 453 -9.58 -30.81 -27.61
C LEU A 453 -9.41 -32.34 -27.52
N SER A 454 -9.06 -32.86 -26.31
CA SER A 454 -8.99 -34.28 -25.97
C SER A 454 -10.36 -34.99 -26.28
N PRO A 455 -11.57 -34.42 -26.02
CA PRO A 455 -12.79 -35.14 -26.41
C PRO A 455 -12.87 -35.49 -27.90
N GLU A 456 -12.68 -34.51 -28.79
CA GLU A 456 -12.81 -34.65 -30.23
C GLU A 456 -11.80 -35.62 -30.80
N CYS A 457 -10.57 -35.54 -30.29
CA CYS A 457 -9.47 -36.34 -30.75
C CYS A 457 -9.69 -37.79 -30.41
N LEU A 458 -10.07 -38.11 -29.16
CA LEU A 458 -10.34 -39.48 -28.75
C LEU A 458 -11.63 -40.03 -29.39
N ASP A 459 -12.65 -39.18 -29.61
CA ASP A 459 -13.89 -39.61 -30.29
C ASP A 459 -13.65 -40.16 -31.72
N GLY A 460 -12.73 -39.52 -32.43
CA GLY A 460 -12.37 -39.92 -33.78
C GLY A 460 -11.39 -41.08 -33.84
N ALA A 461 -10.93 -41.54 -32.68
CA ALA A 461 -9.99 -42.64 -32.50
C ALA A 461 -10.63 -43.88 -31.87
N GLN A 462 -11.66 -43.72 -31.02
CA GLN A 462 -12.33 -44.82 -30.29
C GLN A 462 -12.95 -45.91 -31.20
N HIS A 463 -13.09 -45.66 -32.52
CA HIS A 463 -13.57 -46.65 -33.49
C HIS A 463 -12.58 -47.84 -33.57
N PHE A 464 -11.27 -47.60 -33.34
CA PHE A 464 -10.22 -48.63 -33.36
C PHE A 464 -9.90 -49.17 -31.93
N LEU A 465 -10.76 -48.84 -30.95
CA LEU A 465 -10.63 -49.40 -29.60
C LEU A 465 -11.55 -50.62 -29.58
N LYS A 466 -11.10 -51.74 -28.96
CA LYS A 466 -11.90 -52.97 -28.83
C LYS A 466 -13.24 -52.63 -28.15
N ASP A 467 -14.29 -53.43 -28.40
CA ASP A 467 -15.62 -53.24 -27.80
C ASP A 467 -15.58 -53.22 -26.26
N ASP A 468 -14.57 -53.88 -25.65
CA ASP A 468 -14.36 -53.95 -24.19
C ASP A 468 -13.10 -53.19 -23.78
N GLY A 469 -12.59 -52.33 -24.67
CA GLY A 469 -11.37 -51.57 -24.48
C GLY A 469 -11.40 -50.53 -23.38
N VAL A 470 -10.20 -50.18 -22.87
CA VAL A 470 -9.97 -49.18 -21.82
C VAL A 470 -9.27 -47.94 -22.44
N SER A 471 -9.68 -46.76 -21.98
CA SER A 471 -9.09 -45.48 -22.31
C SER A 471 -8.37 -44.99 -21.07
N ILE A 472 -7.10 -44.66 -21.20
CA ILE A 472 -6.35 -44.02 -20.11
C ILE A 472 -5.91 -42.61 -20.64
N PRO A 473 -6.51 -41.46 -20.20
CA PRO A 473 -7.52 -41.30 -19.12
C PRO A 473 -8.93 -41.78 -19.47
N GLY A 474 -9.65 -42.27 -18.47
CA GLY A 474 -11.01 -42.78 -18.61
C GLY A 474 -12.09 -41.72 -18.40
N GLU A 475 -11.73 -40.67 -17.64
CA GLU A 475 -12.66 -39.58 -17.32
C GLU A 475 -11.91 -38.33 -16.94
N TYR A 476 -12.50 -37.17 -17.23
CA TYR A 476 -11.96 -35.89 -16.76
C TYR A 476 -13.07 -34.88 -16.53
N THR A 477 -12.82 -34.00 -15.58
CA THR A 477 -13.77 -32.99 -15.12
C THR A 477 -13.03 -31.68 -14.92
N SER A 478 -13.60 -30.57 -15.44
CA SER A 478 -13.08 -29.23 -15.19
C SER A 478 -13.80 -28.60 -14.00
N PHE A 479 -13.17 -27.62 -13.35
CA PHE A 479 -13.70 -26.92 -12.18
C PHE A 479 -13.52 -25.43 -12.38
N LEU A 480 -14.40 -24.63 -11.79
CA LEU A 480 -14.30 -23.18 -11.86
C LEU A 480 -14.52 -22.60 -10.50
N ALA A 481 -13.81 -21.53 -10.18
CA ALA A 481 -14.00 -20.81 -8.92
C ALA A 481 -13.91 -19.30 -9.21
N PRO A 482 -14.83 -18.47 -8.63
CA PRO A 482 -14.75 -17.01 -8.82
C PRO A 482 -13.55 -16.40 -8.10
N ILE A 483 -12.88 -15.44 -8.73
CA ILE A 483 -11.73 -14.79 -8.14
C ILE A 483 -11.79 -13.27 -8.21
N SER A 484 -11.10 -12.67 -7.26
CA SER A 484 -10.86 -11.26 -7.16
C SER A 484 -9.39 -11.04 -7.31
N SER A 485 -8.99 -10.15 -8.22
CA SER A 485 -7.61 -9.74 -8.41
C SER A 485 -7.52 -8.51 -9.30
N SER A 486 -7.31 -7.33 -8.69
CA SER A 486 -7.14 -6.10 -9.49
C SER A 486 -5.82 -6.12 -10.23
N LYS A 487 -4.82 -6.91 -9.72
CA LYS A 487 -3.52 -7.10 -10.37
C LYS A 487 -3.75 -7.78 -11.76
N LEU A 488 -4.35 -8.98 -11.79
CA LEU A 488 -4.61 -9.74 -12.99
C LEU A 488 -5.59 -9.07 -13.97
N TYR A 489 -6.63 -8.37 -13.44
CA TYR A 489 -7.56 -7.59 -14.28
C TYR A 489 -6.76 -6.52 -15.09
N ASN A 490 -5.80 -5.88 -14.44
CA ASN A 490 -4.98 -4.84 -15.04
C ASN A 490 -3.96 -5.41 -16.06
N GLU A 491 -3.49 -6.61 -15.77
CA GLU A 491 -2.61 -7.42 -16.62
C GLU A 491 -3.33 -7.80 -17.93
N VAL A 492 -4.57 -8.31 -17.82
CA VAL A 492 -5.43 -8.66 -18.96
C VAL A 492 -5.71 -7.39 -19.78
N ARG A 493 -6.09 -6.30 -19.13
CA ARG A 493 -6.38 -5.00 -19.74
C ARG A 493 -5.24 -4.50 -20.61
N ALA A 494 -4.01 -4.75 -20.16
CA ALA A 494 -2.78 -4.33 -20.85
C ALA A 494 -2.47 -5.20 -22.08
N CYS A 495 -3.32 -6.21 -22.37
CA CYS A 495 -3.10 -7.11 -23.51
C CYS A 495 -3.77 -6.62 -24.81
N ARG A 496 -4.02 -5.32 -24.92
CA ARG A 496 -4.59 -4.75 -26.14
C ARG A 496 -3.57 -4.76 -27.24
N GLU A 497 -3.93 -5.32 -28.38
CA GLU A 497 -3.08 -5.40 -29.58
C GLU A 497 -3.80 -4.63 -30.66
N LYS A 498 -3.04 -3.95 -31.54
CA LYS A 498 -3.61 -3.24 -32.69
C LYS A 498 -4.23 -4.25 -33.70
N ASP A 499 -5.10 -3.75 -34.59
CA ASP A 499 -5.73 -4.54 -35.68
C ASP A 499 -6.60 -5.71 -35.22
N ARG A 500 -7.22 -5.57 -34.05
CA ARG A 500 -8.21 -6.52 -33.51
C ARG A 500 -9.16 -5.78 -32.58
N ASP A 501 -10.22 -6.43 -32.08
CA ASP A 501 -11.16 -5.81 -31.15
C ASP A 501 -10.40 -5.25 -29.94
N PRO A 502 -10.62 -3.93 -29.62
CA PRO A 502 -9.98 -3.31 -28.45
C PRO A 502 -10.23 -3.98 -27.09
N GLU A 503 -11.20 -4.89 -27.04
CA GLU A 503 -11.58 -5.60 -25.84
C GLU A 503 -11.43 -7.13 -25.94
N ALA A 504 -10.77 -7.65 -26.98
CA ALA A 504 -10.59 -9.10 -27.22
C ALA A 504 -9.80 -9.82 -26.12
N GLN A 505 -8.89 -9.12 -25.41
CA GLN A 505 -8.10 -9.63 -24.28
C GLN A 505 -9.00 -10.28 -23.22
N PHE A 506 -10.22 -9.76 -23.07
CA PHE A 506 -11.13 -10.21 -21.99
C PHE A 506 -12.02 -11.36 -22.42
N GLU A 507 -12.04 -11.64 -23.70
CA GLU A 507 -12.85 -12.68 -24.27
C GLU A 507 -12.03 -13.91 -24.65
N MET A 508 -10.91 -14.13 -23.93
CA MET A 508 -10.05 -15.29 -24.10
C MET A 508 -9.48 -15.78 -22.77
N PRO A 509 -9.25 -17.10 -22.60
CA PRO A 509 -8.66 -17.59 -21.35
C PRO A 509 -7.13 -17.49 -21.35
N TYR A 510 -6.52 -17.47 -20.16
CA TYR A 510 -5.05 -17.41 -20.03
C TYR A 510 -4.57 -18.52 -19.12
N VAL A 511 -3.41 -19.10 -19.38
CA VAL A 511 -2.82 -20.07 -18.47
C VAL A 511 -1.91 -19.18 -17.64
N VAL A 512 -2.05 -19.23 -16.32
CA VAL A 512 -1.29 -18.34 -15.42
C VAL A 512 -1.11 -19.04 -14.08
N ARG A 513 0.07 -18.85 -13.43
CA ARG A 513 0.34 -19.31 -12.07
C ARG A 513 -0.30 -18.25 -11.17
N LEU A 514 -1.63 -18.37 -10.97
CA LEU A 514 -2.43 -17.45 -10.17
C LEU A 514 -1.79 -17.32 -8.79
N HIS A 515 -1.25 -16.15 -8.49
CA HIS A 515 -0.53 -15.81 -7.27
C HIS A 515 -1.24 -14.70 -6.42
N ASN A 516 -1.22 -13.41 -6.86
CA ASN A 516 -1.90 -12.32 -6.13
C ASN A 516 -3.41 -12.28 -6.49
N PHE A 517 -4.19 -13.06 -5.77
CA PHE A 517 -5.63 -13.14 -6.03
C PHE A 517 -6.36 -13.60 -4.77
N HIS A 518 -7.70 -13.63 -4.83
CA HIS A 518 -8.52 -14.09 -3.73
C HIS A 518 -9.59 -15.05 -4.32
N GLN A 519 -9.66 -16.29 -3.83
CA GLN A 519 -10.68 -17.24 -4.29
C GLN A 519 -11.97 -16.93 -3.52
N LEU A 520 -13.02 -16.54 -4.24
CA LEU A 520 -14.26 -16.05 -3.63
C LEU A 520 -15.24 -17.15 -3.20
N SER A 521 -15.06 -18.37 -3.71
CA SER A 521 -15.94 -19.49 -3.40
C SER A 521 -15.16 -20.77 -3.77
N ALA A 522 -15.51 -21.91 -3.15
CA ALA A 522 -14.86 -23.19 -3.44
C ALA A 522 -15.11 -23.58 -4.92
N PRO A 523 -14.12 -24.19 -5.63
CA PRO A 523 -14.38 -24.65 -7.00
C PRO A 523 -15.57 -25.61 -7.10
N GLN A 524 -16.27 -25.54 -8.21
CA GLN A 524 -17.41 -26.39 -8.50
C GLN A 524 -17.18 -27.03 -9.87
N PRO A 525 -17.61 -28.29 -10.07
CA PRO A 525 -17.36 -28.92 -11.39
C PRO A 525 -18.03 -28.17 -12.52
N CYS A 526 -17.38 -28.11 -13.68
CA CYS A 526 -17.89 -27.46 -14.88
C CYS A 526 -18.26 -28.53 -15.95
N PHE A 527 -17.31 -28.96 -16.79
CA PHE A 527 -17.65 -29.96 -17.81
C PHE A 527 -16.93 -31.26 -17.58
N THR A 528 -17.62 -32.39 -17.81
CA THR A 528 -17.07 -33.75 -17.60
C THR A 528 -17.09 -34.53 -18.91
N PHE A 529 -16.06 -35.31 -19.16
CA PHE A 529 -16.00 -36.14 -20.37
C PHE A 529 -15.59 -37.53 -19.99
N SER A 530 -16.20 -38.50 -20.66
CA SER A 530 -15.93 -39.91 -20.38
C SER A 530 -15.44 -40.66 -21.61
N HIS A 531 -14.40 -41.50 -21.43
CA HIS A 531 -13.85 -42.26 -22.56
C HIS A 531 -13.73 -43.75 -22.24
N PRO A 532 -14.26 -44.64 -23.10
CA PRO A 532 -14.97 -44.39 -24.36
C PRO A 532 -16.33 -43.76 -24.16
N ASN A 533 -16.82 -43.03 -25.17
CA ASN A 533 -18.12 -42.38 -25.15
C ASN A 533 -19.14 -43.24 -25.91
N ARG A 534 -19.95 -43.96 -25.14
CA ARG A 534 -20.97 -44.91 -25.58
C ARG A 534 -22.30 -44.26 -25.99
N ASP A 535 -22.36 -42.90 -26.09
CA ASP A 535 -23.54 -42.16 -26.52
C ASP A 535 -23.91 -42.47 -27.98
N PRO A 536 -25.19 -42.73 -28.31
CA PRO A 536 -25.55 -43.00 -29.72
C PRO A 536 -25.43 -41.73 -30.59
N MET A 537 -25.67 -40.57 -29.95
CA MET A 537 -25.58 -39.23 -30.52
C MET A 537 -24.55 -38.45 -29.66
N ILE A 538 -23.25 -38.60 -30.00
CA ILE A 538 -22.14 -37.94 -29.29
C ILE A 538 -22.17 -36.41 -29.48
N ASP A 539 -22.32 -35.65 -28.36
CA ASP A 539 -22.32 -34.19 -28.36
C ASP A 539 -21.33 -33.63 -27.34
N ASN A 540 -20.26 -32.99 -27.84
CA ASN A 540 -19.22 -32.43 -26.98
C ASN A 540 -19.50 -31.02 -26.51
N ASN A 541 -20.55 -30.39 -27.08
CA ASN A 541 -21.07 -29.09 -26.68
C ASN A 541 -21.66 -29.19 -25.28
N ARG A 542 -21.63 -28.09 -24.52
CA ARG A 542 -22.10 -28.05 -23.14
C ARG A 542 -22.67 -26.72 -22.72
N TYR A 543 -23.48 -26.72 -21.67
CA TYR A 543 -24.05 -25.58 -21.01
C TYR A 543 -24.19 -25.95 -19.53
N CYS A 544 -23.59 -25.14 -18.66
CA CYS A 544 -23.52 -25.36 -17.22
C CYS A 544 -23.81 -24.07 -16.46
N THR A 545 -24.71 -24.12 -15.44
CA THR A 545 -25.00 -22.96 -14.58
C THR A 545 -24.37 -23.17 -13.19
N LEU A 546 -23.49 -22.25 -12.75
CA LEU A 546 -22.89 -22.39 -11.42
C LEU A 546 -23.29 -21.26 -10.48
N GLU A 547 -23.65 -21.63 -9.24
CA GLU A 547 -24.04 -20.69 -8.19
C GLU A 547 -23.03 -20.81 -7.08
N PHE A 548 -22.28 -19.73 -6.91
CA PHE A 548 -21.18 -19.58 -5.99
C PHE A 548 -21.53 -18.71 -4.79
N PRO A 549 -21.62 -19.31 -3.57
CA PRO A 549 -21.91 -18.50 -2.38
C PRO A 549 -20.72 -17.65 -1.97
N VAL A 550 -20.90 -16.35 -1.93
CA VAL A 550 -19.81 -15.46 -1.54
C VAL A 550 -20.10 -14.89 -0.13
N GLU A 551 -19.15 -15.06 0.82
CA GLU A 551 -19.31 -14.62 2.19
C GLU A 551 -18.40 -13.44 2.55
N VAL A 552 -17.93 -12.71 1.54
CA VAL A 552 -17.12 -11.51 1.73
C VAL A 552 -17.65 -10.38 0.85
N ASN A 553 -17.19 -9.13 1.12
CA ASN A 553 -17.42 -7.97 0.27
C ASN A 553 -16.19 -7.99 -0.61
N THR A 554 -16.38 -7.92 -1.93
CA THR A 554 -15.28 -8.09 -2.90
C THR A 554 -15.58 -7.48 -4.27
N VAL A 555 -14.71 -7.75 -5.25
CA VAL A 555 -14.84 -7.36 -6.65
C VAL A 555 -14.42 -8.55 -7.51
N LEU A 556 -15.36 -9.08 -8.33
CA LEU A 556 -15.12 -10.22 -9.22
C LEU A 556 -14.42 -9.79 -10.48
N HIS A 557 -13.26 -10.40 -10.78
CA HIS A 557 -12.47 -10.06 -11.97
C HIS A 557 -12.37 -11.20 -12.96
N GLY A 558 -12.83 -12.37 -12.57
CA GLY A 558 -12.75 -13.53 -13.43
C GLY A 558 -13.02 -14.84 -12.69
N PHE A 559 -12.76 -15.95 -13.42
CA PHE A 559 -12.96 -17.31 -12.93
C PHE A 559 -11.70 -18.11 -13.17
N ALA A 560 -11.16 -18.71 -12.10
CA ALA A 560 -10.01 -19.62 -12.14
C ALA A 560 -10.54 -20.99 -12.55
N GLY A 561 -9.87 -21.64 -13.49
CA GLY A 561 -10.24 -22.99 -13.91
C GLY A 561 -9.16 -23.99 -13.53
N TYR A 562 -9.60 -25.22 -13.24
CA TYR A 562 -8.75 -26.33 -12.83
C TYR A 562 -9.36 -27.59 -13.44
N PHE A 563 -8.74 -28.73 -13.16
CA PHE A 563 -9.26 -30.00 -13.65
C PHE A 563 -8.84 -31.16 -12.76
N GLU A 564 -9.56 -32.27 -12.89
CA GLU A 564 -9.24 -33.56 -12.25
C GLU A 564 -9.45 -34.61 -13.32
N THR A 565 -8.61 -35.66 -13.28
CA THR A 565 -8.75 -36.76 -14.22
C THR A 565 -8.56 -38.08 -13.51
N VAL A 566 -9.36 -39.05 -13.95
CA VAL A 566 -9.25 -40.43 -13.54
C VAL A 566 -8.50 -41.07 -14.71
N LEU A 567 -7.27 -41.52 -14.45
CA LEU A 567 -6.48 -42.23 -15.46
C LEU A 567 -7.01 -43.67 -15.56
N TYR A 568 -7.01 -44.36 -14.41
CA TYR A 568 -7.54 -45.73 -14.22
C TYR A 568 -7.91 -45.93 -12.76
N GLN A 569 -9.21 -46.12 -12.50
CA GLN A 569 -9.80 -46.44 -11.19
C GLN A 569 -9.54 -45.36 -10.14
N ASP A 570 -8.61 -45.63 -9.20
CA ASP A 570 -8.24 -44.70 -8.15
C ASP A 570 -7.01 -43.93 -8.53
N ILE A 571 -6.41 -44.25 -9.69
CA ILE A 571 -5.22 -43.50 -10.13
C ILE A 571 -5.69 -42.26 -10.84
N THR A 572 -5.39 -41.14 -10.21
CA THR A 572 -5.82 -39.84 -10.64
C THR A 572 -4.70 -38.82 -10.68
N LEU A 573 -5.00 -37.72 -11.41
CA LEU A 573 -4.22 -36.50 -11.47
C LEU A 573 -5.21 -35.37 -11.17
N SER A 574 -4.73 -34.32 -10.48
CA SER A 574 -5.60 -33.20 -10.15
C SER A 574 -4.83 -31.91 -10.05
N ILE A 575 -5.46 -30.79 -10.49
CA ILE A 575 -4.85 -29.47 -10.30
C ILE A 575 -5.84 -28.59 -9.50
N ARG A 576 -7.00 -29.17 -9.07
CA ARG A 576 -7.97 -28.52 -8.19
C ARG A 576 -7.22 -28.32 -6.87
N PRO A 577 -7.08 -27.09 -6.33
CA PRO A 577 -6.25 -26.92 -5.12
C PRO A 577 -6.55 -27.86 -3.94
N GLU A 578 -7.85 -28.16 -3.67
CA GLU A 578 -8.28 -29.02 -2.54
C GLU A 578 -7.85 -30.49 -2.69
N THR A 579 -7.60 -30.95 -3.93
CA THR A 579 -7.22 -32.32 -4.23
C THR A 579 -5.93 -32.40 -5.09
N HIS A 580 -5.14 -31.29 -5.16
CA HIS A 580 -3.93 -31.20 -5.99
C HIS A 580 -2.97 -32.36 -5.76
N SER A 581 -2.56 -33.02 -6.87
CA SER A 581 -1.60 -34.10 -6.90
C SER A 581 -0.28 -33.56 -6.37
N PRO A 582 0.21 -34.06 -5.22
CA PRO A 582 1.48 -33.51 -4.65
C PRO A 582 2.69 -33.64 -5.58
N GLY A 583 3.47 -32.57 -5.68
CA GLY A 583 4.67 -32.51 -6.49
C GLY A 583 4.53 -32.50 -8.01
N MET A 584 3.29 -32.42 -8.55
CA MET A 584 3.03 -32.41 -9.99
C MET A 584 2.90 -30.98 -10.50
N PHE A 585 3.77 -30.55 -11.42
CA PHE A 585 3.76 -29.16 -11.90
C PHE A 585 3.54 -28.93 -13.44
N SER A 586 2.94 -29.89 -14.16
CA SER A 586 2.70 -29.73 -15.58
C SER A 586 1.76 -28.59 -15.94
N TRP A 587 0.61 -28.52 -15.28
CA TRP A 587 -0.44 -27.54 -15.56
C TRP A 587 -0.60 -26.48 -14.51
N PHE A 588 -0.60 -25.22 -14.95
CA PHE A 588 -0.89 -24.07 -14.13
C PHE A 588 -2.40 -23.84 -14.31
N PRO A 589 -3.11 -23.12 -13.42
CA PRO A 589 -4.53 -22.87 -13.67
C PRO A 589 -4.79 -21.96 -14.91
N ILE A 590 -6.03 -22.02 -15.45
CA ILE A 590 -6.55 -21.17 -16.52
C ILE A 590 -7.29 -19.99 -15.85
N LEU A 591 -7.45 -18.90 -16.56
CA LEU A 591 -8.16 -17.75 -16.06
C LEU A 591 -9.06 -17.25 -17.19
N PHE A 592 -10.34 -17.16 -16.89
CA PHE A 592 -11.35 -16.60 -17.76
C PHE A 592 -11.65 -15.20 -17.21
N PRO A 593 -11.23 -14.12 -17.89
CA PRO A 593 -11.54 -12.79 -17.36
C PRO A 593 -12.96 -12.37 -17.71
N ILE A 594 -13.39 -11.20 -17.20
CA ILE A 594 -14.65 -10.53 -17.51
C ILE A 594 -14.32 -9.06 -17.82
N LYS A 595 -14.93 -8.49 -18.88
CA LYS A 595 -14.70 -7.12 -19.35
C LYS A 595 -14.82 -6.10 -18.23
N GLN A 596 -15.93 -6.13 -17.48
CA GLN A 596 -16.09 -5.19 -16.38
C GLN A 596 -16.11 -5.86 -15.04
N PRO A 597 -15.34 -5.35 -14.05
CA PRO A 597 -15.41 -5.93 -12.69
C PRO A 597 -16.81 -5.76 -12.09
N ILE A 598 -17.20 -6.69 -11.21
CA ILE A 598 -18.53 -6.73 -10.60
C ILE A 598 -18.42 -6.70 -9.09
N THR A 599 -19.16 -5.75 -8.46
CA THR A 599 -19.19 -5.61 -7.01
C THR A 599 -20.00 -6.72 -6.43
N VAL A 600 -19.43 -7.39 -5.42
CA VAL A 600 -20.09 -8.50 -4.76
C VAL A 600 -20.05 -8.24 -3.27
N ARG A 601 -21.21 -8.31 -2.63
CA ARG A 601 -21.41 -8.04 -1.22
C ARG A 601 -21.51 -9.35 -0.48
N GLU A 602 -21.21 -9.32 0.82
CA GLU A 602 -21.28 -10.48 1.69
C GLU A 602 -22.70 -11.07 1.68
N GLY A 603 -22.79 -12.37 1.54
CA GLY A 603 -24.07 -13.08 1.51
C GLY A 603 -24.66 -13.24 0.12
N GLN A 604 -24.11 -12.54 -0.89
CA GLN A 604 -24.55 -12.62 -2.27
C GLN A 604 -24.02 -13.86 -2.99
N THR A 605 -24.74 -14.28 -4.02
CA THR A 605 -24.35 -15.43 -4.82
C THR A 605 -23.82 -14.92 -6.14
N ILE A 606 -22.71 -15.48 -6.61
CA ILE A 606 -22.17 -15.20 -7.94
C ILE A 606 -22.73 -16.31 -8.81
N CYS A 607 -23.51 -15.98 -9.82
CA CYS A 607 -24.02 -16.98 -10.77
C CYS A 607 -23.29 -16.82 -12.14
N VAL A 608 -22.57 -17.85 -12.58
CA VAL A 608 -21.90 -17.86 -13.89
C VAL A 608 -22.54 -18.94 -14.83
N ARG A 609 -22.45 -18.67 -16.12
CA ARG A 609 -22.94 -19.57 -17.16
C ARG A 609 -21.77 -19.79 -18.04
N PHE A 610 -21.48 -21.05 -18.36
CA PHE A 610 -20.40 -21.44 -19.24
C PHE A 610 -20.93 -22.35 -20.29
N TRP A 611 -20.46 -22.13 -21.52
CA TRP A 611 -20.81 -22.94 -22.67
C TRP A 611 -19.58 -23.49 -23.35
N ARG A 612 -19.66 -24.72 -23.83
CA ARG A 612 -18.63 -25.32 -24.69
C ARG A 612 -19.31 -25.45 -26.04
N CYS A 613 -18.86 -24.66 -27.01
CA CYS A 613 -19.43 -24.58 -28.34
C CYS A 613 -18.44 -25.12 -29.35
N SER A 614 -18.97 -25.51 -30.53
CA SER A 614 -18.19 -26.08 -31.62
C SER A 614 -18.83 -25.89 -32.99
N ASN A 615 -17.99 -26.11 -34.00
CA ASN A 615 -18.22 -26.11 -35.44
C ASN A 615 -17.58 -27.41 -35.90
N SER A 616 -17.45 -27.56 -37.21
CA SER A 616 -16.72 -28.66 -37.83
C SER A 616 -15.23 -28.25 -37.80
N LYS A 617 -14.97 -26.94 -37.78
CA LYS A 617 -13.63 -26.36 -37.86
C LYS A 617 -13.00 -25.94 -36.54
N LYS A 618 -13.79 -25.44 -35.57
CA LYS A 618 -13.27 -24.89 -34.33
C LYS A 618 -14.14 -25.16 -33.11
N VAL A 619 -13.55 -25.07 -31.93
CA VAL A 619 -14.22 -25.26 -30.64
C VAL A 619 -13.89 -24.02 -29.81
N TRP A 620 -14.81 -23.59 -28.94
CA TRP A 620 -14.57 -22.43 -28.08
C TRP A 620 -15.49 -22.45 -26.86
N TYR A 621 -15.26 -21.52 -25.94
CA TYR A 621 -16.06 -21.30 -24.77
C TYR A 621 -16.66 -19.91 -24.86
N GLU A 622 -17.85 -19.77 -24.29
CA GLU A 622 -18.61 -18.54 -24.06
C GLU A 622 -19.00 -18.61 -22.59
N TRP A 623 -19.01 -17.47 -21.93
CA TRP A 623 -19.33 -17.38 -20.52
C TRP A 623 -20.06 -16.09 -20.21
N ALA A 624 -20.85 -16.06 -19.11
CA ALA A 624 -21.55 -14.85 -18.66
C ALA A 624 -21.92 -14.98 -17.19
N VAL A 625 -21.80 -13.88 -16.41
CA VAL A 625 -22.23 -13.75 -15.01
C VAL A 625 -23.69 -13.25 -15.11
N THR A 626 -24.61 -13.85 -14.38
CA THR A 626 -26.03 -13.46 -14.39
C THR A 626 -26.54 -12.98 -13.00
N ALA A 627 -25.65 -13.03 -11.96
CA ALA A 627 -25.90 -12.60 -10.57
C ALA A 627 -24.54 -12.34 -9.86
N PRO A 628 -24.43 -11.34 -8.92
CA PRO A 628 -25.47 -10.41 -8.44
C PRO A 628 -26.00 -9.48 -9.52
N VAL A 629 -25.18 -9.23 -10.55
CA VAL A 629 -25.52 -8.45 -11.73
C VAL A 629 -25.14 -9.24 -13.00
N CYS A 630 -25.62 -8.81 -14.17
CA CYS A 630 -25.37 -9.43 -15.45
C CYS A 630 -24.10 -8.90 -16.10
N SER A 631 -23.44 -9.75 -16.88
CA SER A 631 -22.33 -9.31 -17.73
C SER A 631 -22.80 -9.50 -19.17
N ALA A 632 -22.00 -9.00 -20.13
CA ALA A 632 -22.23 -9.30 -21.52
C ALA A 632 -21.82 -10.77 -21.66
N ILE A 633 -22.34 -11.47 -22.68
CA ILE A 633 -21.87 -12.84 -22.99
C ILE A 633 -20.46 -12.63 -23.59
N HIS A 634 -19.46 -13.32 -23.03
CA HIS A 634 -18.07 -13.22 -23.50
C HIS A 634 -17.76 -14.18 -24.62
N ASN A 635 -16.92 -13.73 -25.58
CA ASN A 635 -16.48 -14.49 -26.77
C ASN A 635 -17.70 -15.08 -27.55
N PRO A 636 -18.76 -14.29 -27.92
CA PRO A 636 -19.85 -14.89 -28.72
C PRO A 636 -19.41 -15.30 -30.13
N THR A 637 -19.79 -16.53 -30.56
CA THR A 637 -19.45 -17.09 -31.90
C THR A 637 -17.92 -17.38 -32.00
N GLY A 638 -17.23 -17.32 -30.87
CA GLY A 638 -15.78 -17.51 -30.79
C GLY A 638 -15.05 -16.36 -31.48
N ARG A 639 -15.67 -15.17 -31.52
CA ARG A 639 -15.17 -13.98 -32.21
C ARG A 639 -13.78 -13.55 -31.80
N SER A 640 -13.42 -13.74 -30.53
CA SER A 640 -12.15 -13.35 -29.94
C SER A 640 -11.20 -14.52 -29.74
N TYR A 641 -11.77 -15.71 -29.56
CA TYR A 641 -11.00 -16.89 -29.24
C TYR A 641 -11.65 -18.18 -29.69
N THR A 642 -10.91 -18.97 -30.50
CA THR A 642 -11.29 -20.33 -30.94
C THR A 642 -10.07 -21.19 -30.84
N ILE A 643 -10.32 -22.51 -30.71
CA ILE A 643 -9.39 -23.66 -30.64
C ILE A 643 -9.65 -24.44 -31.93
N GLY A 644 -8.62 -24.57 -32.77
CA GLY A 644 -8.73 -25.23 -34.06
C GLY A 644 -8.81 -26.74 -34.03
N LEU A 645 -9.80 -27.26 -34.76
CA LEU A 645 -10.06 -28.67 -34.98
C LEU A 645 -9.31 -29.19 -36.23
N LEU B 27 29.92 38.33 17.46
CA LEU B 27 29.08 37.21 17.86
C LEU B 27 29.70 36.34 18.98
N PRO B 28 28.89 35.92 19.99
CA PRO B 28 29.42 35.10 21.11
C PRO B 28 30.01 33.72 20.74
N PRO B 29 30.70 32.99 21.69
CA PRO B 29 31.22 31.65 21.33
C PRO B 29 30.08 30.64 21.12
N ASN B 30 30.35 29.54 20.35
CA ASN B 30 29.38 28.46 20.03
C ASN B 30 28.24 28.96 19.08
N ALA B 31 27.98 30.28 19.05
CA ALA B 31 26.96 30.94 18.22
C ALA B 31 27.23 30.79 16.71
N PRO B 32 26.22 30.31 15.93
CA PRO B 32 26.43 30.15 14.48
C PRO B 32 26.71 31.48 13.81
N ALA B 33 27.63 31.48 12.83
CA ALA B 33 28.03 32.68 12.08
C ALA B 33 26.83 33.33 11.36
N CYS B 34 25.88 32.51 10.87
CA CYS B 34 24.69 32.99 10.17
C CYS B 34 23.38 32.42 10.70
N MET B 35 22.34 33.28 10.75
CA MET B 35 21.00 32.87 11.17
C MET B 35 20.16 32.42 9.96
N GLU B 36 19.45 31.29 10.13
CA GLU B 36 18.55 30.65 9.17
C GLU B 36 17.42 31.63 8.82
N ARG B 37 17.09 31.74 7.51
CA ARG B 37 16.11 32.70 6.94
C ARG B 37 14.69 32.59 7.52
N GLN B 38 14.21 31.36 7.81
CA GLN B 38 12.84 31.19 8.26
C GLN B 38 12.68 31.33 9.78
N LEU B 39 12.20 32.50 10.20
CA LEU B 39 12.00 32.82 11.60
C LEU B 39 10.72 32.16 12.11
N GLU B 40 10.86 31.25 13.07
CA GLU B 40 9.72 30.52 13.60
C GLU B 40 9.10 31.06 14.90
N ALA B 41 9.93 31.61 15.82
CA ALA B 41 9.39 32.07 17.10
C ALA B 41 10.03 33.34 17.64
N ALA B 42 9.21 34.19 18.29
CA ALA B 42 9.58 35.44 18.94
C ALA B 42 8.94 35.43 20.34
N ARG B 43 9.76 35.28 21.42
CA ARG B 43 9.29 35.22 22.81
C ARG B 43 10.00 36.16 23.78
N TYR B 44 9.29 37.22 24.26
CA TYR B 44 9.85 38.13 25.26
C TYR B 44 9.85 37.50 26.66
N ARG B 45 11.01 37.50 27.35
CA ARG B 45 11.18 37.02 28.73
C ARG B 45 10.68 38.14 29.65
N SER B 46 10.36 37.86 30.94
CA SER B 46 9.85 38.88 31.88
C SER B 46 10.78 40.11 32.02
N ASP B 47 12.12 39.91 31.92
CA ASP B 47 13.15 40.96 31.98
C ASP B 47 13.23 41.84 30.71
N GLY B 48 12.74 41.32 29.58
CA GLY B 48 12.71 42.03 28.29
C GLY B 48 13.54 41.45 27.16
N ALA B 49 14.42 40.47 27.48
CA ALA B 49 15.28 39.72 26.57
C ALA B 49 14.42 38.84 25.61
N LEU B 50 14.53 39.10 24.28
CA LEU B 50 13.82 38.41 23.19
C LEU B 50 14.45 37.07 22.81
N LEU B 51 13.64 36.01 22.80
CA LEU B 51 14.09 34.67 22.38
C LEU B 51 13.66 34.49 20.93
N LEU B 52 14.54 33.91 20.10
CA LEU B 52 14.28 33.65 18.68
C LEU B 52 14.48 32.20 18.29
N GLY B 53 13.49 31.66 17.58
CA GLY B 53 13.52 30.33 16.99
C GLY B 53 13.66 30.48 15.49
N ALA B 54 14.62 29.76 14.89
CA ALA B 54 14.88 29.82 13.44
C ALA B 54 15.01 28.46 12.78
N SER B 55 14.57 28.38 11.52
CA SER B 55 14.63 27.16 10.73
C SER B 55 15.16 27.47 9.34
N SER B 56 15.86 26.50 8.77
CA SER B 56 16.31 26.50 7.39
C SER B 56 15.30 25.55 6.72
N LEU B 57 14.29 26.12 6.04
CA LEU B 57 13.24 25.33 5.36
C LEU B 57 13.56 25.08 3.87
N SER B 58 14.63 25.71 3.35
CA SER B 58 15.11 25.53 1.99
C SER B 58 16.66 25.42 1.96
N GLY B 59 17.24 25.28 0.76
CA GLY B 59 18.69 25.13 0.59
C GLY B 59 19.20 23.77 1.03
N ARG B 60 20.54 23.61 0.97
CA ARG B 60 21.26 22.38 1.29
C ARG B 60 20.92 21.73 2.66
N CYS B 61 21.06 22.51 3.75
CA CYS B 61 20.89 22.01 5.11
C CYS B 61 19.58 22.46 5.72
N TRP B 62 18.82 21.51 6.27
CA TRP B 62 17.53 21.76 6.89
C TRP B 62 17.63 21.60 8.42
N ALA B 63 18.10 22.65 9.08
CA ALA B 63 18.26 22.63 10.52
C ALA B 63 17.64 23.89 11.14
N GLY B 64 18.06 24.19 12.37
CA GLY B 64 17.59 25.36 13.12
C GLY B 64 18.59 25.94 14.10
N SER B 65 18.13 26.99 14.81
CA SER B 65 18.90 27.73 15.79
C SER B 65 18.03 28.48 16.82
N LEU B 66 18.62 28.69 18.01
CA LEU B 66 18.03 29.40 19.14
C LEU B 66 18.91 30.63 19.41
N TRP B 67 18.29 31.81 19.58
CA TRP B 67 18.98 33.08 19.78
C TRP B 67 18.41 33.89 20.91
N LEU B 68 19.28 34.62 21.64
CA LEU B 68 18.87 35.53 22.70
C LEU B 68 19.28 36.96 22.37
N PHE B 69 18.34 37.89 22.49
CA PHE B 69 18.55 39.30 22.20
C PHE B 69 18.19 40.18 23.37
N LYS B 70 19.21 40.52 24.21
CA LYS B 70 19.06 41.41 25.35
C LYS B 70 18.69 42.82 24.86
N ASP B 71 18.99 43.11 23.56
CA ASP B 71 18.60 44.31 22.82
C ASP B 71 17.64 43.84 21.67
N PRO B 72 16.29 43.93 21.86
CA PRO B 72 15.36 43.47 20.81
C PRO B 72 15.49 44.21 19.48
N CYS B 73 16.04 45.44 19.51
CA CYS B 73 16.24 46.24 18.32
C CYS B 73 17.45 45.80 17.50
N ALA B 74 18.35 44.97 18.09
CA ALA B 74 19.53 44.42 17.42
C ALA B 74 19.19 43.14 16.60
N ALA B 75 18.05 42.48 16.90
CA ALA B 75 17.56 41.30 16.19
C ALA B 75 16.99 41.73 14.81
N PRO B 76 17.20 40.98 13.71
CA PRO B 76 17.82 39.65 13.59
C PRO B 76 19.36 39.57 13.42
N ASN B 77 20.09 40.70 13.58
CA ASN B 77 21.56 40.77 13.40
C ASN B 77 22.36 39.87 14.37
N GLU B 78 23.02 38.83 13.79
CA GLU B 78 23.82 37.76 14.39
C GLU B 78 24.97 38.23 15.30
N GLY B 79 25.71 39.24 14.85
CA GLY B 79 26.85 39.79 15.58
C GLY B 79 26.53 40.56 16.85
N PHE B 80 25.27 41.06 16.95
CA PHE B 80 24.80 41.85 18.09
C PHE B 80 23.75 41.11 18.94
N CYS B 81 24.09 39.85 19.30
CA CYS B 81 23.28 38.96 20.14
C CYS B 81 24.03 38.56 21.44
N SER B 82 23.25 38.23 22.48
CA SER B 82 23.74 37.79 23.80
C SER B 82 24.21 36.32 23.76
N ALA B 83 23.42 35.45 23.07
CA ALA B 83 23.68 34.02 22.94
C ALA B 83 23.04 33.47 21.65
N GLY B 84 23.55 32.32 21.22
CA GLY B 84 23.08 31.62 20.03
C GLY B 84 23.58 30.19 19.99
N VAL B 85 22.73 29.28 19.49
CA VAL B 85 23.11 27.87 19.34
C VAL B 85 22.50 27.26 18.07
N GLN B 86 23.04 26.12 17.62
CA GLN B 86 22.52 25.41 16.46
C GLN B 86 21.90 24.13 16.96
N THR B 87 20.70 23.83 16.42
CA THR B 87 19.99 22.58 16.71
C THR B 87 20.20 21.65 15.50
N GLU B 88 20.07 20.33 15.72
CA GLU B 88 20.22 19.28 14.70
C GLU B 88 19.25 19.45 13.51
N ALA B 89 17.94 19.64 13.81
CA ALA B 89 16.85 19.83 12.85
C ALA B 89 16.20 21.20 13.09
N GLY B 90 15.18 21.52 12.28
CA GLY B 90 14.45 22.77 12.38
C GLY B 90 13.65 22.90 13.66
N VAL B 91 13.14 24.10 13.93
CA VAL B 91 12.33 24.32 15.12
C VAL B 91 10.92 24.67 14.67
N ALA B 92 9.94 23.78 14.98
CA ALA B 92 8.55 24.05 14.60
C ALA B 92 7.88 24.92 15.65
N ASP B 93 8.20 24.69 16.94
CA ASP B 93 7.66 25.51 18.04
C ASP B 93 8.69 25.72 19.14
N LEU B 94 8.49 26.83 19.87
CA LEU B 94 9.32 27.26 20.98
C LEU B 94 8.45 27.70 22.10
N THR B 95 9.04 27.77 23.32
CA THR B 95 8.45 28.27 24.56
C THR B 95 9.52 28.43 25.66
N TRP B 96 9.47 29.60 26.34
CA TRP B 96 10.34 29.89 27.48
C TRP B 96 9.88 28.99 28.62
N VAL B 97 10.81 28.21 29.19
CA VAL B 97 10.56 27.39 30.38
C VAL B 97 11.24 28.19 31.49
N GLY B 98 10.44 29.01 32.15
CA GLY B 98 10.91 29.86 33.24
C GLY B 98 11.58 31.11 32.71
N GLU B 99 12.80 31.34 33.17
CA GLU B 99 13.58 32.51 32.78
C GLU B 99 14.90 32.15 32.10
N ARG B 100 15.30 30.86 32.20
CA ARG B 100 16.54 30.36 31.59
C ARG B 100 16.32 29.19 30.59
N GLY B 101 15.26 28.40 30.79
CA GLY B 101 14.95 27.26 29.92
C GLY B 101 14.24 27.57 28.62
N ILE B 102 14.52 26.75 27.57
CA ILE B 102 13.92 26.85 26.23
C ILE B 102 13.40 25.46 25.80
N LEU B 103 12.08 25.34 25.66
CA LEU B 103 11.47 24.07 25.22
C LEU B 103 11.14 24.18 23.72
N VAL B 104 11.72 23.23 22.96
CA VAL B 104 11.74 23.16 21.50
C VAL B 104 10.98 21.96 20.91
N ALA B 105 10.10 22.27 19.94
CA ALA B 105 9.38 21.27 19.14
C ALA B 105 10.24 21.10 17.85
N SER B 106 10.86 19.94 17.69
CA SER B 106 11.74 19.70 16.56
C SER B 106 11.09 18.86 15.44
N ASP B 107 11.56 19.03 14.19
CA ASP B 107 11.18 18.26 13.00
C ASP B 107 11.61 16.80 13.16
N SER B 108 12.63 16.55 14.00
CA SER B 108 13.25 15.26 14.28
C SER B 108 12.35 14.27 15.02
N GLY B 109 11.25 14.77 15.59
CA GLY B 109 10.34 13.98 16.41
C GLY B 109 10.68 14.16 17.88
N ALA B 110 11.69 15.01 18.12
CA ALA B 110 12.20 15.32 19.42
C ALA B 110 11.58 16.55 20.02
N VAL B 111 11.43 16.47 21.33
CA VAL B 111 11.09 17.55 22.24
C VAL B 111 12.45 17.83 22.92
N GLU B 112 12.95 19.05 22.75
CA GLU B 112 14.25 19.41 23.32
C GLU B 112 14.15 20.50 24.36
N LEU B 113 14.89 20.33 25.47
CA LEU B 113 15.01 21.36 26.50
C LEU B 113 16.44 21.80 26.56
N TRP B 114 16.62 23.10 26.31
CA TRP B 114 17.89 23.82 26.33
C TRP B 114 17.87 24.75 27.54
N GLU B 115 19.01 24.94 28.20
CA GLU B 115 19.13 25.83 29.37
C GLU B 115 20.12 26.94 29.11
N LEU B 116 19.75 28.18 29.45
CA LEU B 116 20.62 29.36 29.35
C LEU B 116 21.76 29.22 30.37
N ASP B 117 22.94 29.74 29.99
CA ASP B 117 24.19 29.76 30.76
C ASP B 117 24.05 30.53 32.08
N GLU B 118 24.96 30.26 33.04
CA GLU B 118 25.04 30.97 34.33
C GLU B 118 25.26 32.47 34.06
N ASN B 119 26.09 32.77 33.04
CA ASN B 119 26.41 34.12 32.55
C ASN B 119 25.38 34.57 31.51
N GLU B 120 24.61 33.59 30.95
CA GLU B 120 23.60 33.75 29.89
C GLU B 120 24.31 34.16 28.59
N THR B 121 25.41 33.44 28.29
CA THR B 121 26.26 33.69 27.13
C THR B 121 26.27 32.51 26.17
N LEU B 122 25.76 31.36 26.64
CA LEU B 122 25.62 30.12 25.88
C LEU B 122 24.21 29.56 26.07
N ILE B 123 23.76 28.69 25.15
CA ILE B 123 22.47 27.99 25.20
C ILE B 123 22.84 26.51 25.09
N VAL B 124 22.86 25.82 26.23
CA VAL B 124 23.32 24.44 26.33
C VAL B 124 22.13 23.44 26.43
N SER B 125 22.23 22.31 25.70
CA SER B 125 21.23 21.25 25.66
C SER B 125 21.14 20.52 26.99
N LYS B 126 19.95 20.51 27.59
CA LYS B 126 19.67 19.80 28.84
C LYS B 126 19.26 18.37 28.47
N PHE B 127 18.17 18.22 27.66
CA PHE B 127 17.67 16.92 27.16
C PHE B 127 17.14 17.01 25.71
N CYS B 128 17.23 15.87 24.98
CA CYS B 128 16.75 15.69 23.61
C CYS B 128 16.07 14.35 23.58
N LYS B 129 14.73 14.32 23.67
CA LYS B 129 14.02 13.05 23.72
C LYS B 129 13.14 12.79 22.48
N TYR B 130 13.42 11.67 21.79
CA TYR B 130 12.73 11.26 20.56
C TYR B 130 11.63 10.29 20.90
N GLU B 131 10.46 10.83 21.24
CA GLU B 131 9.28 10.07 21.64
C GLU B 131 8.18 10.16 20.57
N HIS B 132 8.14 11.28 19.81
CA HIS B 132 7.18 11.49 18.74
C HIS B 132 7.72 10.84 17.46
N ASP B 133 6.83 10.21 16.69
CA ASP B 133 7.11 9.45 15.47
C ASP B 133 7.14 10.33 14.20
N ASP B 134 6.83 11.61 14.34
CA ASP B 134 6.84 12.58 13.24
C ASP B 134 7.21 13.94 13.85
N ILE B 135 7.28 14.98 13.01
CA ILE B 135 7.58 16.35 13.38
C ILE B 135 6.78 16.73 14.62
N VAL B 136 7.44 17.41 15.59
CA VAL B 136 6.78 17.95 16.77
C VAL B 136 6.46 19.36 16.36
N SER B 137 5.17 19.71 16.27
CA SER B 137 4.70 21.00 15.77
C SER B 137 4.32 22.03 16.82
N THR B 138 3.93 21.57 18.02
CA THR B 138 3.44 22.48 19.09
C THR B 138 3.89 22.03 20.52
N VAL B 139 4.34 23.02 21.32
CA VAL B 139 4.77 22.91 22.74
C VAL B 139 4.06 23.98 23.58
N SER B 140 3.73 23.61 24.83
CA SER B 140 3.10 24.51 25.80
C SER B 140 3.56 24.15 27.23
N VAL B 141 3.99 25.15 28.03
CA VAL B 141 4.41 24.88 29.41
C VAL B 141 3.17 24.96 30.29
N LEU B 142 2.97 23.96 31.16
CA LEU B 142 1.84 23.92 32.11
C LEU B 142 2.05 24.93 33.28
N SER B 143 0.96 25.62 33.72
CA SER B 143 0.92 26.68 34.78
C SER B 143 2.08 26.69 35.83
N SER B 144 2.44 25.52 36.41
CA SER B 144 3.50 25.36 37.42
C SER B 144 4.94 25.53 36.91
N GLY B 145 5.15 25.26 35.63
CA GLY B 145 6.46 25.33 34.99
C GLY B 145 7.28 24.08 35.19
N THR B 146 6.66 22.99 35.70
CA THR B 146 7.31 21.69 35.98
C THR B 146 6.95 20.63 34.93
N GLN B 147 5.85 20.87 34.22
CA GLN B 147 5.33 19.99 33.18
C GLN B 147 5.05 20.73 31.87
N ALA B 148 5.04 19.97 30.77
CA ALA B 148 4.80 20.51 29.43
C ALA B 148 4.00 19.55 28.57
N VAL B 149 3.25 20.12 27.62
CA VAL B 149 2.47 19.34 26.67
C VAL B 149 2.89 19.62 25.22
N SER B 150 3.09 18.54 24.44
CA SER B 150 3.47 18.59 23.03
C SER B 150 2.45 17.87 22.13
N GLY B 151 2.25 18.43 20.93
CA GLY B 151 1.38 17.89 19.89
C GLY B 151 2.19 17.60 18.63
N SER B 152 1.86 16.50 17.94
CA SER B 152 2.63 16.14 16.75
C SER B 152 1.80 15.75 15.52
N LYS B 153 2.50 15.70 14.36
CA LYS B 153 1.99 15.20 13.08
C LYS B 153 1.73 13.68 13.22
N ASP B 154 2.35 13.02 14.21
CA ASP B 154 2.14 11.61 14.53
C ASP B 154 0.77 11.37 15.19
N ILE B 155 -0.01 12.47 15.41
CA ILE B 155 -1.40 12.51 15.93
C ILE B 155 -1.44 12.41 17.52
N CYS B 156 -0.28 12.25 18.17
CA CYS B 156 -0.25 12.13 19.63
C CYS B 156 -0.04 13.45 20.37
N ILE B 157 -0.45 13.44 21.64
CA ILE B 157 -0.28 14.52 22.60
C ILE B 157 0.42 13.88 23.80
N LYS B 158 1.60 14.38 24.14
CA LYS B 158 2.40 13.84 25.24
C LYS B 158 2.59 14.85 26.39
N VAL B 159 2.50 14.37 27.62
CA VAL B 159 2.67 15.16 28.85
C VAL B 159 4.02 14.79 29.38
N TRP B 160 4.87 15.80 29.53
CA TRP B 160 6.26 15.68 29.93
C TRP B 160 6.56 16.13 31.33
N ASP B 161 7.44 15.39 32.01
CA ASP B 161 7.97 15.76 33.32
C ASP B 161 9.35 16.35 32.98
N LEU B 162 9.42 17.70 33.00
CA LEU B 162 10.65 18.42 32.61
C LEU B 162 11.87 18.10 33.46
N ALA B 163 11.65 17.78 34.75
CA ALA B 163 12.71 17.46 35.70
C ALA B 163 13.27 16.06 35.46
N GLN B 164 12.39 15.06 35.34
CA GLN B 164 12.80 13.67 35.11
C GLN B 164 13.17 13.41 33.63
N GLN B 165 12.90 14.38 32.71
CA GLN B 165 13.11 14.30 31.25
C GLN B 165 12.40 13.06 30.66
N VAL B 166 11.13 12.81 31.08
CA VAL B 166 10.32 11.67 30.66
C VAL B 166 8.87 12.06 30.31
N VAL B 167 8.17 11.15 29.58
CA VAL B 167 6.76 11.28 29.19
C VAL B 167 5.95 10.54 30.27
N LEU B 168 5.03 11.28 30.90
CA LEU B 168 4.13 10.74 31.93
C LEU B 168 2.87 10.13 31.31
N SER B 169 2.37 10.78 30.26
CA SER B 169 1.17 10.38 29.56
C SER B 169 1.28 10.63 28.04
N SER B 170 0.85 9.67 27.23
CA SER B 170 0.79 9.77 25.76
C SER B 170 -0.67 9.55 25.35
N TYR B 171 -1.25 10.55 24.68
CA TYR B 171 -2.65 10.51 24.28
C TYR B 171 -2.86 10.50 22.77
N ARG B 172 -3.58 9.50 22.28
CA ARG B 172 -3.96 9.39 20.88
C ARG B 172 -5.48 9.67 20.82
N ALA B 173 -5.88 10.90 21.17
CA ALA B 173 -7.30 11.28 21.13
C ALA B 173 -7.73 11.69 19.72
N HIS B 174 -6.83 12.37 19.00
CA HIS B 174 -7.08 12.88 17.67
C HIS B 174 -7.00 11.81 16.56
N ALA B 175 -7.53 12.16 15.35
CA ALA B 175 -7.58 11.27 14.16
C ALA B 175 -6.77 11.82 12.95
N ALA B 176 -6.12 12.99 13.13
CA ALA B 176 -5.28 13.70 12.18
C ALA B 176 -4.24 14.51 12.98
N GLN B 177 -3.29 15.18 12.30
CA GLN B 177 -2.20 15.92 12.97
C GLN B 177 -2.65 16.95 13.98
N VAL B 178 -1.87 17.08 15.08
CA VAL B 178 -2.15 18.04 16.16
C VAL B 178 -1.50 19.36 15.79
N THR B 179 -2.34 20.36 15.57
CA THR B 179 -1.99 21.69 15.10
C THR B 179 -1.51 22.58 16.22
N CYS B 180 -2.19 22.50 17.37
CA CYS B 180 -1.95 23.36 18.51
C CYS B 180 -2.30 22.70 19.81
N VAL B 181 -1.53 23.06 20.84
CA VAL B 181 -1.72 22.68 22.24
C VAL B 181 -1.44 23.96 23.07
N ALA B 182 -2.36 24.33 23.96
CA ALA B 182 -2.21 25.51 24.80
C ALA B 182 -2.57 25.16 26.25
N ALA B 183 -1.57 25.28 27.16
CA ALA B 183 -1.76 25.00 28.60
C ALA B 183 -2.60 26.09 29.19
N SER B 184 -3.52 25.76 30.10
CA SER B 184 -4.35 26.80 30.71
C SER B 184 -3.46 27.70 31.56
N PRO B 185 -3.85 29.01 31.69
CA PRO B 185 -3.03 29.93 32.51
C PRO B 185 -2.64 29.44 33.91
N HIS B 186 -3.65 29.13 34.77
CA HIS B 186 -3.42 28.84 36.17
C HIS B 186 -3.81 27.43 36.66
N LYS B 187 -4.08 26.46 35.75
CA LYS B 187 -4.45 25.08 36.12
C LYS B 187 -3.49 24.09 35.45
N ASP B 188 -2.70 23.37 36.28
CA ASP B 188 -1.69 22.39 35.82
C ASP B 188 -2.27 21.11 35.16
N SER B 189 -3.61 20.90 35.26
CA SER B 189 -4.34 19.74 34.73
C SER B 189 -5.03 20.07 33.42
N VAL B 190 -5.25 21.36 33.14
CA VAL B 190 -6.05 21.76 31.99
C VAL B 190 -5.23 22.36 30.85
N PHE B 191 -5.58 21.90 29.65
CA PHE B 191 -5.01 22.37 28.39
C PHE B 191 -5.98 22.16 27.24
N LEU B 192 -5.80 22.97 26.21
CA LEU B 192 -6.60 22.90 24.99
C LEU B 192 -5.77 22.25 23.90
N SER B 193 -6.44 21.61 22.95
CA SER B 193 -5.78 21.04 21.78
C SER B 193 -6.71 21.16 20.56
N CYS B 194 -6.14 21.34 19.35
CA CYS B 194 -6.91 21.36 18.12
C CYS B 194 -6.20 20.56 17.01
N SER B 195 -6.96 20.10 16.02
CA SER B 195 -6.43 19.19 15.02
C SER B 195 -7.13 19.31 13.71
N GLU B 196 -6.52 18.67 12.71
CA GLU B 196 -7.06 18.57 11.36
C GLU B 196 -8.22 17.56 11.32
N ASP B 197 -8.54 16.94 12.47
CA ASP B 197 -9.69 16.07 12.58
C ASP B 197 -10.95 16.86 12.96
N ASN B 198 -10.85 18.24 12.95
CA ASN B 198 -11.91 19.21 13.21
C ASN B 198 -12.35 19.27 14.68
N ARG B 199 -11.50 18.75 15.58
CA ARG B 199 -11.78 18.76 16.99
C ARG B 199 -10.99 19.81 17.72
N ILE B 200 -11.64 20.44 18.70
CA ILE B 200 -11.06 21.34 19.70
C ILE B 200 -11.35 20.59 20.98
N LEU B 201 -10.31 20.05 21.62
CA LEU B 201 -10.43 19.28 22.85
C LEU B 201 -9.99 20.03 24.15
N LEU B 202 -10.88 20.02 25.18
CA LEU B 202 -10.60 20.55 26.51
C LEU B 202 -10.12 19.37 27.34
N TRP B 203 -8.92 19.48 27.92
CA TRP B 203 -8.32 18.39 28.67
C TRP B 203 -8.21 18.63 30.15
N ASP B 204 -8.63 17.67 30.98
CA ASP B 204 -8.50 17.71 32.42
C ASP B 204 -7.98 16.36 32.82
N THR B 205 -6.66 16.26 33.06
CA THR B 205 -5.97 15.01 33.44
C THR B 205 -6.50 14.41 34.76
N ARG B 206 -7.35 15.19 35.46
CA ARG B 206 -8.02 14.74 36.68
C ARG B 206 -9.17 13.75 36.36
N CYS B 207 -9.85 13.91 35.19
CA CYS B 207 -10.92 13.02 34.69
C CYS B 207 -10.41 11.67 34.14
N PRO B 208 -11.15 10.55 34.35
CA PRO B 208 -10.72 9.25 33.79
C PRO B 208 -10.60 9.28 32.25
N LYS B 209 -11.51 10.05 31.58
CA LYS B 209 -11.52 10.31 30.15
C LYS B 209 -11.16 11.79 30.11
N PRO B 210 -9.85 12.13 29.91
CA PRO B 210 -9.41 13.53 30.03
C PRO B 210 -9.89 14.51 28.97
N ALA B 211 -10.09 14.09 27.73
CA ALA B 211 -10.53 15.10 26.76
C ALA B 211 -12.03 15.18 26.67
N SER B 212 -12.52 16.30 26.19
CA SER B 212 -13.91 16.59 25.98
C SER B 212 -13.97 17.48 24.76
N GLN B 213 -14.81 17.10 23.80
CA GLN B 213 -15.01 17.80 22.53
C GLN B 213 -15.86 19.03 22.73
N ILE B 214 -15.31 20.19 22.38
CA ILE B 214 -15.98 21.48 22.49
C ILE B 214 -15.91 22.20 21.16
N GLY B 215 -16.81 23.16 20.98
CA GLY B 215 -16.86 23.96 19.77
C GLY B 215 -18.19 24.65 19.58
N CYS B 216 -18.47 25.08 18.34
CA CYS B 216 -19.70 25.77 17.97
C CYS B 216 -20.77 24.75 17.55
N SER B 217 -22.01 25.23 17.34
CA SER B 217 -23.16 24.41 16.94
C SER B 217 -22.95 23.67 15.61
N ALA B 218 -22.18 24.25 14.68
CA ALA B 218 -21.88 23.66 13.37
C ALA B 218 -20.37 23.38 13.18
N PRO B 219 -19.97 22.16 12.68
CA PRO B 219 -18.53 21.90 12.44
C PRO B 219 -18.06 22.56 11.12
N GLY B 220 -17.48 23.77 11.25
CA GLY B 220 -17.04 24.61 10.13
C GLY B 220 -15.70 24.29 9.50
N TYR B 221 -14.75 25.24 9.60
CA TYR B 221 -13.42 25.08 9.06
C TYR B 221 -12.44 24.64 10.13
N LEU B 222 -11.39 23.89 9.73
CA LEU B 222 -10.42 23.32 10.67
C LEU B 222 -9.77 24.34 11.59
N PRO B 223 -9.70 24.04 12.91
CA PRO B 223 -9.05 24.98 13.85
C PRO B 223 -7.53 24.93 13.73
N THR B 224 -6.88 26.09 13.67
CA THR B 224 -5.42 26.21 13.46
C THR B 224 -4.62 26.88 14.57
N SER B 225 -5.30 27.59 15.49
CA SER B 225 -4.65 28.31 16.61
C SER B 225 -5.60 28.48 17.79
N LEU B 226 -5.05 28.43 19.00
CA LEU B 226 -5.79 28.59 20.26
C LEU B 226 -5.06 29.57 21.17
N ALA B 227 -5.83 30.38 21.91
CA ALA B 227 -5.27 31.25 22.95
C ALA B 227 -6.22 31.34 24.13
N TRP B 228 -5.78 30.81 25.28
CA TRP B 228 -6.54 30.89 26.55
C TRP B 228 -6.66 32.38 26.94
N HIS B 229 -7.78 32.79 27.54
CA HIS B 229 -7.90 34.19 27.96
C HIS B 229 -7.07 34.36 29.23
N PRO B 230 -6.28 35.48 29.35
CA PRO B 230 -5.42 35.63 30.53
C PRO B 230 -6.15 35.97 31.84
N GLN B 231 -7.35 36.57 31.74
CA GLN B 231 -8.14 36.97 32.91
C GLN B 231 -9.35 36.04 33.18
N GLN B 232 -10.09 35.63 32.14
CA GLN B 232 -11.22 34.72 32.29
C GLN B 232 -10.79 33.27 31.93
N SER B 233 -10.44 32.46 32.97
CA SER B 233 -9.91 31.09 32.85
C SER B 233 -10.92 30.03 32.28
N GLU B 234 -12.15 30.47 31.90
CA GLU B 234 -13.18 29.61 31.31
C GLU B 234 -13.53 30.03 29.87
N VAL B 235 -12.73 30.95 29.30
CA VAL B 235 -12.91 31.42 27.92
C VAL B 235 -11.59 31.37 27.14
N PHE B 236 -11.71 31.10 25.83
CA PHE B 236 -10.56 31.08 24.93
C PHE B 236 -10.96 31.57 23.55
N VAL B 237 -9.95 31.82 22.72
CA VAL B 237 -10.12 32.22 21.33
C VAL B 237 -9.54 31.12 20.44
N PHE B 238 -10.13 30.93 19.27
CA PHE B 238 -9.56 29.97 18.33
C PHE B 238 -9.65 30.52 16.93
N GLY B 239 -8.55 30.37 16.20
CA GLY B 239 -8.49 30.77 14.80
C GLY B 239 -8.68 29.56 13.90
N ASP B 240 -9.28 29.76 12.74
CA ASP B 240 -9.47 28.65 11.83
C ASP B 240 -8.59 28.78 10.55
N GLU B 241 -8.67 27.78 9.65
CA GLU B 241 -7.94 27.69 8.37
C GLU B 241 -8.43 28.67 7.29
N ASN B 242 -9.51 29.44 7.58
CA ASN B 242 -10.14 30.36 6.66
C ASN B 242 -10.18 31.83 7.14
N GLY B 243 -9.26 32.17 8.06
CA GLY B 243 -9.09 33.53 8.58
C GLY B 243 -10.07 34.00 9.65
N THR B 244 -10.96 33.12 10.10
CA THR B 244 -11.94 33.45 11.14
C THR B 244 -11.33 33.30 12.53
N VAL B 245 -11.64 34.27 13.39
CA VAL B 245 -11.24 34.25 14.80
C VAL B 245 -12.55 34.08 15.60
N SER B 246 -12.57 33.15 16.55
CA SER B 246 -13.78 32.89 17.34
C SER B 246 -13.58 32.99 18.85
N LEU B 247 -14.59 33.58 19.54
CA LEU B 247 -14.63 33.75 20.99
C LEU B 247 -15.47 32.63 21.58
N VAL B 248 -14.87 31.82 22.47
CA VAL B 248 -15.54 30.65 23.02
C VAL B 248 -15.52 30.60 24.54
N ASP B 249 -16.72 30.48 25.13
CA ASP B 249 -16.94 30.25 26.57
C ASP B 249 -17.01 28.71 26.68
N THR B 250 -16.13 28.10 27.50
CA THR B 250 -16.14 26.63 27.68
C THR B 250 -17.36 26.21 28.50
N LYS B 251 -17.70 27.04 29.50
CA LYS B 251 -18.81 26.86 30.46
C LYS B 251 -20.20 27.01 29.83
N SER B 252 -20.29 27.62 28.61
CA SER B 252 -21.54 27.80 27.85
C SER B 252 -21.56 26.89 26.59
N THR B 253 -20.37 26.30 26.25
CA THR B 253 -20.02 25.37 25.15
C THR B 253 -20.73 25.70 23.77
N SER B 254 -21.09 26.99 23.56
CA SER B 254 -21.67 27.53 22.33
C SER B 254 -20.95 28.84 22.00
N CYS B 255 -20.58 29.04 20.72
CA CYS B 255 -19.81 30.21 20.27
C CYS B 255 -20.63 31.50 20.20
N VAL B 256 -20.10 32.54 20.87
CA VAL B 256 -20.71 33.87 20.98
C VAL B 256 -20.30 34.79 19.81
N LEU B 257 -19.04 35.24 19.79
CA LEU B 257 -18.54 36.16 18.76
C LEU B 257 -17.55 35.50 17.81
N SER B 258 -17.56 35.98 16.56
CA SER B 258 -16.67 35.55 15.49
C SER B 258 -16.55 36.60 14.40
N SER B 259 -15.32 36.78 13.87
CA SER B 259 -15.04 37.72 12.79
C SER B 259 -13.99 37.20 11.81
N ALA B 260 -14.23 37.45 10.53
CA ALA B 260 -13.32 37.14 9.42
C ALA B 260 -12.20 38.20 9.47
N VAL B 261 -11.18 37.93 10.28
CA VAL B 261 -10.05 38.83 10.47
C VAL B 261 -9.05 38.73 9.30
N HIS B 262 -8.63 37.49 8.98
CA HIS B 262 -7.68 37.20 7.91
C HIS B 262 -8.33 36.58 6.65
N SER B 263 -7.58 36.60 5.51
CA SER B 263 -7.99 36.04 4.22
C SER B 263 -7.40 34.62 4.03
N GLN B 264 -6.51 34.20 4.95
CA GLN B 264 -5.87 32.88 4.98
C GLN B 264 -5.75 32.36 6.42
N CYS B 265 -5.36 31.10 6.60
CA CYS B 265 -5.26 30.44 7.90
C CYS B 265 -4.67 31.32 9.03
N VAL B 266 -5.32 31.31 10.24
CA VAL B 266 -4.85 32.05 11.43
C VAL B 266 -3.78 31.19 12.11
N THR B 267 -2.51 31.59 11.95
CA THR B 267 -1.33 30.90 12.47
C THR B 267 -1.19 31.00 13.99
N GLY B 268 -1.48 32.18 14.54
CA GLY B 268 -1.34 32.45 15.96
C GLY B 268 -2.27 33.50 16.53
N LEU B 269 -2.53 33.36 17.83
CA LEU B 269 -3.36 34.25 18.64
C LEU B 269 -2.63 34.53 19.98
N VAL B 270 -2.23 35.79 20.22
CA VAL B 270 -1.47 36.16 21.44
C VAL B 270 -2.09 37.40 22.12
N PHE B 271 -2.46 37.24 23.42
CA PHE B 271 -3.07 38.29 24.24
C PHE B 271 -2.05 39.27 24.84
N SER B 272 -2.37 40.58 24.83
CA SER B 272 -1.54 41.65 25.42
C SER B 272 -1.54 41.53 26.95
N PRO B 273 -0.47 41.98 27.66
CA PRO B 273 -0.43 41.79 29.13
C PRO B 273 -1.43 42.64 29.95
N HIS B 274 -2.04 43.66 29.30
CA HIS B 274 -3.02 44.62 29.81
C HIS B 274 -4.13 43.97 30.63
N SER B 275 -4.67 44.72 31.63
CA SER B 275 -5.77 44.32 32.52
C SER B 275 -6.96 43.92 31.67
N VAL B 276 -7.27 44.76 30.66
CA VAL B 276 -8.25 44.54 29.61
C VAL B 276 -7.37 44.17 28.35
N PRO B 277 -7.14 42.86 28.07
CA PRO B 277 -6.20 42.49 27.00
C PRO B 277 -6.67 42.73 25.57
N PHE B 278 -5.69 42.99 24.69
CA PHE B 278 -5.80 43.15 23.25
C PHE B 278 -5.37 41.84 22.65
N LEU B 279 -6.07 41.40 21.60
CA LEU B 279 -5.73 40.14 20.95
C LEU B 279 -5.02 40.38 19.64
N ALA B 280 -3.76 39.92 19.55
CA ALA B 280 -2.92 39.98 18.34
C ALA B 280 -3.14 38.67 17.59
N SER B 281 -3.50 38.80 16.31
CA SER B 281 -3.83 37.75 15.36
C SER B 281 -2.81 37.76 14.19
N LEU B 282 -2.28 36.56 13.85
CA LEU B 282 -1.28 36.25 12.81
C LEU B 282 -1.85 35.42 11.66
N SER B 283 -1.32 35.60 10.44
CA SER B 283 -1.81 34.81 9.30
C SER B 283 -0.78 34.52 8.19
N GLU B 284 -1.19 33.63 7.26
CA GLU B 284 -0.44 33.25 6.08
C GLU B 284 -0.73 34.29 4.99
N ASP B 285 -1.71 35.19 5.28
CA ASP B 285 -2.02 36.31 4.39
C ASP B 285 -0.92 37.39 4.48
N CYS B 286 0.08 37.22 5.42
CA CYS B 286 1.29 38.06 5.66
C CYS B 286 0.99 39.36 6.43
N SER B 287 -0.09 39.36 7.23
CA SER B 287 -0.48 40.49 8.02
C SER B 287 -0.66 40.13 9.48
N LEU B 288 -0.65 41.18 10.32
CA LEU B 288 -0.87 41.19 11.77
C LEU B 288 -2.10 42.03 11.99
N ALA B 289 -2.99 41.55 12.83
CA ALA B 289 -4.16 42.32 13.24
C ALA B 289 -4.20 42.37 14.77
N VAL B 290 -4.61 43.51 15.34
CA VAL B 290 -4.76 43.67 16.80
C VAL B 290 -6.23 44.00 17.00
N LEU B 291 -6.92 43.14 17.78
CA LEU B 291 -8.37 43.25 18.01
C LEU B 291 -8.74 43.51 19.47
N ASP B 292 -9.87 44.21 19.68
CA ASP B 292 -10.36 44.50 21.03
C ASP B 292 -11.10 43.30 21.68
N SER B 293 -11.98 43.60 22.65
CA SER B 293 -12.76 42.60 23.39
C SER B 293 -13.88 42.03 22.51
N SER B 294 -14.51 42.90 21.67
CA SER B 294 -15.61 42.54 20.78
C SER B 294 -15.11 42.03 19.41
N LEU B 295 -13.81 41.63 19.32
CA LEU B 295 -13.16 41.12 18.11
C LEU B 295 -13.10 42.15 16.96
N SER B 296 -13.27 43.45 17.28
CA SER B 296 -13.19 44.54 16.30
C SER B 296 -11.72 44.89 16.05
N GLU B 297 -11.40 45.25 14.79
CA GLU B 297 -10.04 45.56 14.38
C GLU B 297 -9.61 46.95 14.85
N LEU B 298 -8.48 46.99 15.56
CA LEU B 298 -7.87 48.23 16.07
C LEU B 298 -6.68 48.58 15.16
N PHE B 299 -5.65 47.71 15.14
CA PHE B 299 -4.43 47.86 14.34
C PHE B 299 -4.36 46.78 13.26
N ARG B 300 -3.57 47.04 12.21
CA ARG B 300 -3.29 46.14 11.09
C ARG B 300 -1.96 46.51 10.50
N SER B 301 -1.05 45.54 10.39
CA SER B 301 0.28 45.76 9.83
C SER B 301 0.56 44.82 8.67
N GLN B 302 0.90 45.39 7.51
CA GLN B 302 1.25 44.65 6.31
C GLN B 302 2.77 44.79 6.09
N ALA B 303 3.52 44.95 7.21
CA ALA B 303 4.96 45.13 7.25
C ALA B 303 5.66 43.95 6.62
N HIS B 304 5.12 42.74 6.88
CA HIS B 304 5.69 41.51 6.35
C HIS B 304 5.32 41.28 4.90
N ARG B 305 6.29 40.68 4.21
CA ARG B 305 6.22 40.31 2.81
C ARG B 305 6.21 38.75 2.66
N ASP B 306 6.15 38.03 3.81
CA ASP B 306 6.08 36.56 3.93
C ASP B 306 5.28 36.20 5.19
N PHE B 307 4.91 34.90 5.37
CA PHE B 307 4.09 34.39 6.48
C PHE B 307 4.58 34.86 7.83
N VAL B 308 3.64 35.41 8.64
CA VAL B 308 3.88 35.89 10.02
C VAL B 308 3.76 34.69 10.96
N ARG B 309 4.87 34.33 11.60
CA ARG B 309 5.02 33.14 12.44
C ARG B 309 4.79 33.30 13.94
N ASP B 310 5.19 34.42 14.55
CA ASP B 310 4.98 34.68 16.00
C ASP B 310 4.66 36.12 16.32
N ALA B 311 4.22 36.36 17.57
CA ALA B 311 3.95 37.69 18.12
C ALA B 311 4.17 37.72 19.64
N THR B 312 4.98 38.69 20.15
CA THR B 312 5.22 38.89 21.58
C THR B 312 5.18 40.32 21.98
N TRP B 313 4.34 40.58 22.99
CA TRP B 313 4.19 41.90 23.61
C TRP B 313 5.34 42.06 24.58
N SER B 314 5.94 43.28 24.58
CA SER B 314 7.03 43.59 25.50
C SER B 314 6.51 43.60 26.93
N PRO B 315 7.24 42.95 27.88
CA PRO B 315 6.79 42.98 29.28
C PRO B 315 7.00 44.39 29.88
N LEU B 316 7.99 45.14 29.31
CA LEU B 316 8.40 46.51 29.64
C LEU B 316 7.35 47.48 29.03
N ASN B 317 7.52 47.94 27.76
CA ASN B 317 6.50 48.80 27.13
C ASN B 317 5.33 47.93 26.63
N HIS B 318 4.19 48.03 27.32
CA HIS B 318 2.99 47.25 27.03
C HIS B 318 2.31 47.56 25.68
N SER B 319 2.63 48.69 25.03
CA SER B 319 2.05 48.98 23.70
C SER B 319 3.02 48.54 22.54
N LEU B 320 4.17 47.91 22.91
CA LEU B 320 5.14 47.41 21.95
C LEU B 320 4.97 45.89 21.74
N LEU B 321 4.64 45.52 20.48
CA LEU B 321 4.40 44.16 19.99
C LEU B 321 5.43 43.80 18.90
N THR B 322 6.12 42.67 19.07
CA THR B 322 7.14 42.17 18.15
C THR B 322 6.62 40.99 17.32
N THR B 323 6.88 41.00 16.00
CA THR B 323 6.49 39.92 15.07
C THR B 323 7.66 39.41 14.27
N VAL B 324 7.67 38.10 14.01
CA VAL B 324 8.67 37.48 13.15
C VAL B 324 7.96 36.72 12.02
N GLY B 325 8.59 36.72 10.84
CA GLY B 325 8.08 36.04 9.66
C GLY B 325 9.14 35.26 8.92
N TRP B 326 8.77 34.74 7.74
CA TRP B 326 9.70 34.00 6.88
C TRP B 326 10.56 34.92 6.00
N ASP B 327 10.19 36.21 5.94
CA ASP B 327 10.92 37.27 5.24
C ASP B 327 12.15 37.73 6.05
N HIS B 328 12.40 37.13 7.24
CA HIS B 328 13.53 37.42 8.13
C HIS B 328 13.47 38.86 8.74
N GLN B 329 12.25 39.37 8.91
CA GLN B 329 11.98 40.68 9.50
C GLN B 329 11.51 40.50 10.94
N VAL B 330 12.19 41.20 11.88
CA VAL B 330 11.86 41.26 13.30
C VAL B 330 11.25 42.64 13.41
N VAL B 331 9.91 42.72 13.27
CA VAL B 331 9.23 44.01 13.30
C VAL B 331 8.78 44.34 14.72
N HIS B 332 8.85 45.65 15.07
CA HIS B 332 8.46 46.17 16.39
C HIS B 332 7.38 47.20 16.12
N HIS B 333 6.14 46.81 16.42
CA HIS B 333 4.94 47.61 16.20
C HIS B 333 4.55 48.40 17.44
N VAL B 334 3.96 49.58 17.24
CA VAL B 334 3.45 50.42 18.31
C VAL B 334 1.93 50.40 18.20
N VAL B 335 1.32 49.65 19.12
CA VAL B 335 -0.13 49.43 19.13
C VAL B 335 -0.86 50.60 19.82
N PRO B 336 -1.79 51.30 19.12
CA PRO B 336 -2.52 52.41 19.77
C PRO B 336 -3.54 51.96 20.80
N1 WFM C . -0.75 -30.46 -22.69
N3 WFM C . -1.66 -36.51 -32.28
C4 WFM C . 0.66 -33.31 -24.48
C5 WFM C . 1.73 -33.67 -23.64
C6 WFM C . 1.93 -33.01 -22.47
C7 WFM C . 1.16 -31.88 -22.13
C8 WFM C . 1.42 -31.07 -21.02
C10 WFM C . -0.45 -29.66 -21.62
C13 WFM C . 0.44 -34.47 -27.99
C15 WFM C . -2.28 -35.45 -31.72
C17 WFM C . -4.28 -35.76 -33.00
C20 WFM C . -2.72 -33.66 -30.46
C21 WFM C . 0.38 -33.41 -30.16
BR WFM C . 1.07 -28.88 -19.28
C9 WFM C . 0.64 -29.99 -20.76
N WFM C . -1.23 -28.60 -21.42
C11 WFM C . 0.09 -31.50 -22.98
C12 WFM C . -0.17 -32.27 -24.14
O1 WFM C . 0.52 -34.13 -25.57
C3 WFM C . -0.05 -33.62 -26.81
C2 WFM C . 0.46 -32.21 -27.11
C1 WFM C . 1.61 -32.40 -28.10
O2 WFM C . -0.65 -35.00 -28.75
C14 WFM C . -0.45 -34.70 -30.13
O3 WFM C . 1.08 -33.20 -31.38
C WFM C . 1.28 -33.63 -28.94
O WFM C . 2.54 -34.28 -29.22
N2 WFM C . -1.76 -34.61 -30.77
C19 WFM C . -3.83 -33.85 -31.22
C18 WFM C . -3.56 -34.98 -32.06
N5 WFM C . -5.53 -35.46 -33.36
N4 WFM C . -3.68 -36.84 -33.55
C16 WFM C . -2.44 -37.14 -33.16
C1 EDO D . -10.55 -8.90 -2.46
O1 EDO D . -11.61 -9.69 -1.99
C2 EDO D . -11.13 -7.55 -2.87
O2 EDO D . -11.44 -6.87 -1.66
C1 EDO E . 5.84 -22.67 -19.61
O1 EDO E . 6.48 -21.48 -20.06
C2 EDO E . 5.97 -22.82 -18.07
O2 EDO E . 5.59 -24.13 -17.70
C1 EDO F . 24.47 6.28 -1.01
O1 EDO F . 25.62 6.77 -1.68
C2 EDO F . 24.74 4.86 -0.42
O2 EDO F . 24.85 3.90 -1.47
C1 EDO G . 16.02 -29.99 -26.72
O1 EDO G . 15.53 -29.28 -27.83
C2 EDO G . 16.47 -31.34 -27.26
O2 EDO G . 16.84 -32.18 -26.19
C1 EDO H . 9.46 23.83 -9.32
O1 EDO H . 10.21 22.75 -8.78
C2 EDO H . 9.50 25.03 -8.34
O2 EDO H . 10.52 24.83 -7.38
C1 EDO I . 7.39 11.46 -9.43
O1 EDO I . 6.55 11.55 -10.58
C2 EDO I . 8.48 10.35 -9.58
O2 EDO I . 7.94 9.08 -9.25
C1 EDO J . -14.61 28.20 0.63
O1 EDO J . -14.17 27.31 -0.35
C2 EDO J . -13.40 28.99 1.19
O2 EDO J . -13.88 30.04 2.01
C1 EDO K . -22.74 -16.58 2.45
O1 EDO K . -21.72 -17.55 2.49
C2 EDO K . -22.87 -15.89 3.84
O2 EDO K . -24.16 -15.31 3.98
CL CL L . -13.57 9.67 -3.56
CL CL M . -7.31 -17.16 -2.24
CL CL N . -0.41 -13.28 -23.59
C1 PEG O . 11.72 1.75 -4.89
O1 PEG O . 11.21 0.61 -5.56
C2 PEG O . 12.83 1.38 -3.98
O2 PEG O . 13.81 0.64 -4.67
C3 PEG O . 14.85 0.12 -3.84
C4 PEG O . 16.02 -0.33 -4.68
O4 PEG O . 17.20 -0.56 -3.90
C1 PEG P . 1.24 -22.14 -21.81
O1 PEG P . 1.95 -21.36 -22.77
C2 PEG P . 2.18 -22.90 -20.93
O2 PEG P . 1.49 -23.87 -20.16
C3 PEG P . 2.36 -24.58 -19.29
C4 PEG P . 1.88 -24.50 -17.85
O4 PEG P . 0.59 -25.06 -17.68
C1 EDO Q . -13.98 23.99 14.33
O1 EDO Q . -14.77 23.46 13.26
C2 EDO Q . -14.05 23.09 15.60
O2 EDO Q . -14.89 23.69 16.59
C1 EDO R . 2.04 10.71 8.91
O1 EDO R . 2.63 9.81 7.99
C2 EDO R . 1.88 10.04 10.32
O2 EDO R . 3.10 10.02 11.07
#